data_5LNV
#
_entry.id   5LNV
#
_cell.length_a   178.576
_cell.length_b   178.576
_cell.length_c   117.375
_cell.angle_alpha   90.000
_cell.angle_beta   90.000
_cell.angle_gamma   120.000
#
_symmetry.space_group_name_H-M   'H 3'
#
loop_
_entity.id
_entity.type
_entity.pdbx_description
1 polymer "Pyridoxal 5'-phosphate synthase subunit PDX1.3"
2 non-polymer 'PHOSPHATE ION'
3 non-polymer 'SULFATE ION'
4 non-polymer (4~{S})-4-azanyl-5-oxidanyl-pent-1-en-3-one
5 water water
#
_entity_poly.entity_id   1
_entity_poly.type   'polypeptide(L)'
_entity_poly.pdbx_seq_one_letter_code
;MEGTGVVAVYGNGAITEAKKSPFSVKVGLAQMLRGGVIMDVVNAEQARIAEEAGACAVMALERVPADIRAQGGVARMSDP
QMIKEIKQAVTIPVMAKARIGHFVEAQILEAIGIDYIDESEVLTLADEDHHINKHNFRIPFVCGCRNLGEALRRIREGAA
MIRTKGEAGTGNIIEAVRHVRSVNGDIRVLRNMDDDEVFTFAKKLAAPYDLVMQTKQLGRLPVVQFAAGGVATPADAALM
MQLGCDGVFVGSGIFKSGDPARRARAIVQAVTHYSDPEMLVEVSCGLGEAMVGINLNDEKVERFANRSEEHHHHHH
;
_entity_poly.pdbx_strand_id   A,B,C,D
#
loop_
_chem_comp.id
_chem_comp.type
_chem_comp.name
_chem_comp.formula
KIK non-polymer (4~{S})-4-azanyl-5-oxidanyl-pent-1-en-3-one 'C5 H9 N O2'
PO4 non-polymer 'PHOSPHATE ION' 'O4 P -3'
SO4 non-polymer 'SULFATE ION' 'O4 S -2'
#
# COMPACT_ATOMS: atom_id res chain seq x y z
N SER A 21 -8.79 23.01 24.50
CA SER A 21 -9.27 23.65 23.23
C SER A 21 -10.76 23.38 23.00
N PRO A 22 -11.52 24.36 22.41
CA PRO A 22 -12.92 24.04 22.16
C PRO A 22 -13.10 22.90 21.15
N PHE A 23 -12.14 22.71 20.22
CA PHE A 23 -12.21 21.53 19.32
C PHE A 23 -12.17 20.21 20.08
N SER A 24 -11.30 20.11 21.06
CA SER A 24 -11.18 18.87 21.84
C SER A 24 -12.41 18.64 22.71
N VAL A 25 -13.10 19.70 23.13
CA VAL A 25 -14.39 19.57 23.82
C VAL A 25 -15.44 18.99 22.88
N LYS A 26 -15.45 19.42 21.60
CA LYS A 26 -16.44 18.89 20.62
C LYS A 26 -16.19 17.41 20.32
N VAL A 27 -14.91 17.09 20.16
CA VAL A 27 -14.47 15.73 19.94
C VAL A 27 -14.90 14.85 21.14
N GLY A 28 -14.69 15.38 22.35
CA GLY A 28 -15.14 14.74 23.61
C GLY A 28 -16.64 14.46 23.68
N LEU A 29 -17.44 15.41 23.27
CA LEU A 29 -18.89 15.24 23.32
C LEU A 29 -19.39 14.06 22.50
N ALA A 30 -18.91 13.95 21.25
CA ALA A 30 -19.33 12.86 20.36
C ALA A 30 -19.01 11.44 20.86
N GLN A 31 -18.09 11.32 21.83
CA GLN A 31 -17.71 10.02 22.41
C GLN A 31 -18.92 9.32 23.00
N MET A 32 -19.95 10.07 23.37
CA MET A 32 -21.15 9.47 23.93
C MET A 32 -21.90 8.62 22.96
N LEU A 33 -21.66 8.79 21.65
CA LEU A 33 -22.43 8.10 20.61
C LEU A 33 -21.93 6.69 20.31
N ARG A 34 -20.72 6.35 20.75
CA ARG A 34 -20.19 4.99 20.65
C ARG A 34 -21.22 3.92 21.05
N GLY A 35 -21.29 2.84 20.27
CA GLY A 35 -22.26 1.77 20.49
C GLY A 35 -23.63 2.04 19.93
N GLY A 36 -23.82 3.16 19.23
CA GLY A 36 -25.13 3.58 18.78
C GLY A 36 -25.36 3.60 17.29
N VAL A 37 -26.66 3.72 16.97
CA VAL A 37 -27.19 3.86 15.64
C VAL A 37 -27.87 5.24 15.52
N ILE A 38 -27.50 5.99 14.48
CA ILE A 38 -28.09 7.29 14.21
C ILE A 38 -29.01 7.08 13.03
N MET A 39 -30.25 7.54 13.15
CA MET A 39 -31.27 7.24 12.14
C MET A 39 -31.67 8.50 11.43
N ASP A 40 -31.72 8.47 10.10
CA ASP A 40 -32.24 9.59 9.33
C ASP A 40 -33.74 9.62 9.55
N VAL A 41 -34.30 10.81 9.73
CA VAL A 41 -35.74 11.01 9.84
C VAL A 41 -36.17 12.27 9.06
N VAL A 42 -37.33 12.18 8.45
CA VAL A 42 -37.86 13.29 7.68
C VAL A 42 -39.04 13.96 8.37
N ASN A 43 -39.57 13.32 9.43
CA ASN A 43 -40.66 13.91 10.23
C ASN A 43 -40.63 13.46 11.69
N ALA A 44 -41.50 14.07 12.52
CA ALA A 44 -41.57 13.77 13.95
C ALA A 44 -42.02 12.36 14.26
N GLU A 45 -42.83 11.76 13.38
CA GLU A 45 -43.22 10.37 13.54
C GLU A 45 -42.00 9.45 13.41
N GLN A 46 -41.18 9.70 12.39
CA GLN A 46 -39.95 8.93 12.22
C GLN A 46 -39.00 9.14 13.41
N ALA A 47 -38.90 10.36 13.92
CA ALA A 47 -38.04 10.65 15.09
C ALA A 47 -38.43 9.86 16.32
N ARG A 48 -39.72 9.81 16.62
CA ARG A 48 -40.21 9.09 17.81
C ARG A 48 -40.02 7.58 17.66
N ILE A 49 -40.25 7.04 16.47
CA ILE A 49 -39.97 5.63 16.18
C ILE A 49 -38.47 5.35 16.38
N ALA A 50 -37.61 6.26 15.92
CA ALA A 50 -36.16 6.11 16.15
C ALA A 50 -35.76 6.13 17.63
N GLU A 51 -36.32 7.06 18.39
CA GLU A 51 -36.00 7.11 19.82
C GLU A 51 -36.50 5.87 20.54
N GLU A 52 -37.69 5.40 20.19
CA GLU A 52 -38.28 4.23 20.87
C GLU A 52 -37.51 2.95 20.56
N ALA A 53 -36.92 2.88 19.37
CA ALA A 53 -36.08 1.74 18.98
C ALA A 53 -34.73 1.71 19.69
N GLY A 54 -34.34 2.82 20.31
CA GLY A 54 -33.06 2.94 21.03
C GLY A 54 -31.96 3.64 20.23
N ALA A 55 -32.32 4.46 19.24
CA ALA A 55 -31.33 5.23 18.50
C ALA A 55 -30.58 6.17 19.44
N CYS A 56 -29.27 6.39 19.22
CA CYS A 56 -28.48 7.28 20.04
C CYS A 56 -28.74 8.74 19.62
N ALA A 57 -29.17 8.93 18.39
CA ALA A 57 -29.51 10.26 17.89
C ALA A 57 -30.37 10.15 16.65
N VAL A 58 -31.02 11.25 16.29
CA VAL A 58 -31.74 11.31 15.03
C VAL A 58 -31.08 12.34 14.12
N MET A 59 -31.29 12.16 12.81
CA MET A 59 -30.69 13.00 11.78
C MET A 59 -31.81 13.50 10.88
N ALA A 60 -32.13 14.78 11.00
CA ALA A 60 -33.25 15.40 10.29
C ALA A 60 -32.82 15.81 8.90
N LEU A 61 -33.51 15.28 7.90
CA LEU A 61 -33.27 15.71 6.54
C LEU A 61 -34.59 15.70 5.77
N GLU A 62 -34.57 16.32 4.59
CA GLU A 62 -35.78 16.54 3.77
C GLU A 62 -36.38 15.23 3.24
N ARG A 63 -35.50 14.38 2.70
CA ARG A 63 -35.86 13.10 2.10
C ARG A 63 -34.76 12.08 2.43
N VAL A 64 -35.12 10.79 2.56
CA VAL A 64 -34.09 9.77 2.82
C VAL A 64 -33.25 9.60 1.56
N PRO A 65 -32.00 9.15 1.71
CA PRO A 65 -31.10 9.08 0.54
C PRO A 65 -31.66 8.29 -0.67
N ALA A 66 -32.27 7.12 -0.43
CA ALA A 66 -32.92 6.35 -1.50
C ALA A 66 -33.99 7.13 -2.29
N ASP A 67 -34.73 8.00 -1.59
CA ASP A 67 -35.70 8.86 -2.25
C ASP A 67 -35.01 9.96 -3.05
N ILE A 68 -33.98 10.57 -2.47
CA ILE A 68 -33.19 11.57 -3.19
C ILE A 68 -32.62 10.92 -4.46
N ARG A 69 -32.08 9.71 -4.34
CA ARG A 69 -31.51 9.01 -5.48
C ARG A 69 -32.57 8.78 -6.57
N ALA A 70 -33.70 8.21 -6.20
CA ALA A 70 -34.78 7.88 -7.14
C ALA A 70 -35.41 9.10 -7.82
N GLN A 71 -35.76 10.12 -7.03
CA GLN A 71 -36.56 11.26 -7.52
C GLN A 71 -35.70 12.33 -8.20
N GLY A 72 -34.46 12.51 -7.73
CA GLY A 72 -33.59 13.57 -8.20
C GLY A 72 -34.09 14.90 -7.66
N GLY A 73 -33.80 15.99 -8.37
CA GLY A 73 -34.07 17.35 -7.86
C GLY A 73 -32.98 17.82 -6.91
N VAL A 74 -32.96 19.11 -6.60
CA VAL A 74 -31.95 19.68 -5.68
C VAL A 74 -32.34 19.36 -4.25
N ALA A 75 -31.42 18.76 -3.50
CA ALA A 75 -31.65 18.39 -2.10
C ALA A 75 -30.96 19.35 -1.18
N ARG A 76 -31.70 19.99 -0.29
CA ARG A 76 -31.14 21.04 0.58
C ARG A 76 -31.48 20.81 2.05
N MET A 77 -30.91 21.66 2.91
CA MET A 77 -31.29 21.77 4.31
C MET A 77 -32.82 21.71 4.47
N SER A 78 -33.29 21.04 5.51
CA SER A 78 -34.74 20.96 5.77
C SER A 78 -35.27 22.31 6.22
N ASP A 79 -36.54 22.56 5.95
CA ASP A 79 -37.22 23.77 6.47
C ASP A 79 -37.01 23.79 7.99
N PRO A 80 -36.63 24.94 8.55
CA PRO A 80 -36.47 24.99 10.01
C PRO A 80 -37.71 24.61 10.84
N GLN A 81 -38.90 24.88 10.31
CA GLN A 81 -40.12 24.40 10.96
C GLN A 81 -40.05 22.89 11.25
N MET A 82 -39.63 22.11 10.25
CA MET A 82 -39.61 20.66 10.38
C MET A 82 -38.60 20.21 11.42
N ILE A 83 -37.46 20.87 11.44
CA ILE A 83 -36.41 20.58 12.38
C ILE A 83 -36.88 20.84 13.81
N LYS A 84 -37.58 21.96 14.01
CA LYS A 84 -38.20 22.27 15.30
C LYS A 84 -39.21 21.20 15.74
N GLU A 85 -40.00 20.67 14.81
CA GLU A 85 -40.92 19.57 15.14
C GLU A 85 -40.18 18.30 15.62
N ILE A 86 -39.10 17.97 14.95
CA ILE A 86 -38.29 16.80 15.29
C ILE A 86 -37.60 17.02 16.62
N LYS A 87 -37.09 18.22 16.85
CA LYS A 87 -36.38 18.52 18.09
C LYS A 87 -37.29 18.40 19.32
N GLN A 88 -38.50 18.93 19.24
CA GLN A 88 -39.43 18.86 20.37
C GLN A 88 -40.03 17.46 20.54
N ALA A 89 -39.89 16.59 19.52
CA ALA A 89 -40.42 15.24 19.55
C ALA A 89 -39.62 14.21 20.35
N VAL A 90 -38.36 14.51 20.69
CA VAL A 90 -37.46 13.51 21.30
C VAL A 90 -36.53 14.18 22.27
N THR A 91 -35.91 13.38 23.13
CA THR A 91 -34.96 13.87 24.12
C THR A 91 -33.50 13.49 23.78
N ILE A 92 -33.31 12.51 22.91
CA ILE A 92 -31.95 12.20 22.40
C ILE A 92 -31.41 13.32 21.46
N PRO A 93 -30.08 13.34 21.20
CA PRO A 93 -29.52 14.40 20.36
C PRO A 93 -30.11 14.47 18.97
N VAL A 94 -30.25 15.69 18.44
CA VAL A 94 -30.82 15.91 17.12
C VAL A 94 -29.77 16.51 16.21
N MET A 95 -29.59 15.87 15.08
CA MET A 95 -28.58 16.25 14.12
C MET A 95 -29.34 16.69 12.88
N ALA A 96 -28.73 17.52 12.04
CA ALA A 96 -29.39 17.90 10.80
C ALA A 96 -28.34 18.12 9.73
N LYS A 97 -28.73 17.89 8.48
CA LYS A 97 -27.80 17.89 7.37
C LYS A 97 -27.82 19.23 6.64
N ALA A 98 -26.63 19.67 6.26
CA ALA A 98 -26.44 20.84 5.43
C ALA A 98 -25.62 20.45 4.20
N ARG A 99 -25.79 21.21 3.14
CA ARG A 99 -25.06 20.95 1.91
C ARG A 99 -23.60 21.32 2.10
N ILE A 100 -22.74 20.56 1.43
CA ILE A 100 -21.30 20.78 1.48
C ILE A 100 -20.96 22.19 1.04
N GLY A 101 -20.22 22.90 1.90
CA GLY A 101 -19.86 24.30 1.63
C GLY A 101 -20.91 25.39 1.93
N HIS A 102 -22.12 25.00 2.30
CA HIS A 102 -23.18 25.98 2.54
C HIS A 102 -23.13 26.41 3.99
N PHE A 103 -22.17 27.28 4.28
CA PHE A 103 -22.00 27.75 5.63
C PHE A 103 -23.20 28.51 6.17
N VAL A 104 -24.07 29.05 5.31
CA VAL A 104 -25.27 29.73 5.79
C VAL A 104 -26.39 28.76 6.21
N GLU A 105 -26.52 27.65 5.53
CA GLU A 105 -27.39 26.61 6.00
C GLU A 105 -26.92 26.17 7.39
N ALA A 106 -25.60 26.03 7.57
CA ALA A 106 -25.07 25.64 8.86
C ALA A 106 -25.34 26.71 9.97
N GLN A 107 -25.21 28.00 9.64
CA GLN A 107 -25.52 29.07 10.60
C GLN A 107 -26.98 29.04 11.09
N ILE A 108 -27.89 28.71 10.19
CA ILE A 108 -29.31 28.61 10.49
C ILE A 108 -29.63 27.41 11.40
N LEU A 109 -29.05 26.26 11.10
CA LEU A 109 -29.19 25.09 11.91
C LEU A 109 -28.65 25.33 13.31
N GLU A 110 -27.45 25.93 13.40
CA GLU A 110 -26.85 26.20 14.71
C GLU A 110 -27.80 27.05 15.52
N ALA A 111 -28.20 28.19 14.96
CA ALA A 111 -29.16 29.11 15.59
C ALA A 111 -30.50 28.47 16.01
N ILE A 112 -30.95 27.43 15.32
CA ILE A 112 -32.16 26.68 15.73
C ILE A 112 -31.94 25.93 17.04
N GLY A 113 -30.69 25.60 17.36
CA GLY A 113 -30.33 24.97 18.61
C GLY A 113 -30.34 23.45 18.58
N ILE A 114 -30.01 22.85 17.45
CA ILE A 114 -29.82 21.40 17.40
C ILE A 114 -28.43 21.04 17.95
N ASP A 115 -28.08 19.76 17.98
CA ASP A 115 -26.85 19.32 18.65
C ASP A 115 -25.68 19.06 17.69
N TYR A 116 -25.93 18.60 16.48
CA TYR A 116 -24.85 18.42 15.48
C TYR A 116 -25.35 18.82 14.11
N ILE A 117 -24.42 19.25 13.27
CA ILE A 117 -24.69 19.45 11.85
C ILE A 117 -23.88 18.43 11.08
N ASP A 118 -24.55 17.70 10.19
CA ASP A 118 -23.87 16.80 9.25
C ASP A 118 -23.73 17.50 7.89
N GLU A 119 -22.50 17.88 7.55
CA GLU A 119 -22.19 18.48 6.25
C GLU A 119 -22.13 17.30 5.33
N SER A 120 -23.20 17.08 4.55
CA SER A 120 -23.48 15.78 3.94
C SER A 120 -23.56 15.74 2.41
N GLU A 121 -22.75 14.87 1.82
CA GLU A 121 -22.76 14.52 0.40
C GLU A 121 -24.05 13.93 -0.17
N VAL A 122 -24.99 13.53 0.66
CA VAL A 122 -26.30 13.11 0.18
C VAL A 122 -27.14 14.29 -0.30
N LEU A 123 -26.98 15.46 0.30
CA LEU A 123 -27.64 16.68 -0.22
C LEU A 123 -26.86 17.19 -1.43
N THR A 124 -27.41 18.14 -2.16
CA THR A 124 -26.74 18.64 -3.36
C THR A 124 -25.56 19.52 -3.00
N LEU A 125 -24.38 19.16 -3.51
CA LEU A 125 -23.17 19.95 -3.28
C LEU A 125 -23.40 21.43 -3.59
N ALA A 126 -23.05 22.32 -2.64
CA ALA A 126 -23.16 23.75 -2.89
C ALA A 126 -21.85 24.42 -3.27
N ASP A 127 -20.72 23.75 -3.01
CA ASP A 127 -19.39 24.29 -3.30
C ASP A 127 -18.49 23.13 -3.57
N GLU A 128 -18.06 23.02 -4.82
CA GLU A 128 -17.27 21.87 -5.26
C GLU A 128 -15.82 21.92 -4.81
N ASP A 129 -15.33 23.11 -4.43
CA ASP A 129 -13.93 23.28 -4.07
C ASP A 129 -13.62 23.39 -2.60
N HIS A 130 -14.59 23.83 -1.79
CA HIS A 130 -14.36 24.06 -0.36
C HIS A 130 -15.50 23.59 0.51
N HIS A 131 -15.14 22.96 1.63
CA HIS A 131 -16.10 22.64 2.66
C HIS A 131 -16.25 23.81 3.64
N ILE A 132 -17.26 23.68 4.51
CA ILE A 132 -17.49 24.60 5.59
C ILE A 132 -16.28 24.69 6.51
N ASN A 133 -15.89 25.92 6.87
CA ASN A 133 -14.92 26.14 7.94
C ASN A 133 -15.61 25.88 9.27
N LYS A 134 -15.54 24.62 9.71
CA LYS A 134 -16.34 24.15 10.82
C LYS A 134 -15.83 24.66 12.17
N HIS A 135 -14.56 25.07 12.25
CA HIS A 135 -14.03 25.72 13.45
C HIS A 135 -14.70 27.04 13.81
N ASN A 136 -15.38 27.69 12.88
CA ASN A 136 -16.15 28.92 13.19
C ASN A 136 -17.48 28.67 13.92
N PHE A 137 -17.82 27.42 14.20
CA PHE A 137 -19.12 27.09 14.81
C PHE A 137 -18.93 26.58 16.24
N ARG A 138 -19.94 26.81 17.06
CA ARG A 138 -19.94 26.33 18.45
C ARG A 138 -20.33 24.86 18.49
N ILE A 139 -21.25 24.43 17.64
CA ILE A 139 -21.72 23.05 17.71
C ILE A 139 -20.94 22.10 16.80
N PRO A 140 -20.88 20.82 17.18
CA PRO A 140 -20.01 19.88 16.50
C PRO A 140 -20.54 19.48 15.13
N PHE A 141 -19.60 19.12 14.24
CA PHE A 141 -19.93 18.67 12.89
C PHE A 141 -19.56 17.22 12.64
N VAL A 142 -20.42 16.55 11.88
CA VAL A 142 -20.12 15.27 11.24
C VAL A 142 -19.76 15.51 9.76
N CYS A 143 -18.74 14.82 9.25
CA CYS A 143 -18.43 14.79 7.79
C CYS A 143 -18.23 13.35 7.25
N GLY A 144 -18.48 13.19 5.95
CA GLY A 144 -18.29 11.92 5.28
C GLY A 144 -16.85 11.76 4.81
N CYS A 145 -16.41 10.53 4.64
CA CYS A 145 -15.11 10.24 4.03
C CYS A 145 -15.20 8.92 3.32
N ARG A 146 -14.30 8.72 2.36
CA ARG A 146 -14.11 7.43 1.71
C ARG A 146 -12.70 6.89 1.92
N ASN A 147 -11.80 7.71 2.42
CA ASN A 147 -10.43 7.29 2.70
C ASN A 147 -9.86 8.13 3.82
N LEU A 148 -8.71 7.71 4.32
CA LEU A 148 -8.03 8.38 5.45
C LEU A 148 -7.67 9.83 5.17
N GLY A 149 -7.15 10.08 3.98
CA GLY A 149 -6.79 11.45 3.60
C GLY A 149 -7.94 12.41 3.71
N GLU A 150 -9.07 11.98 3.16
CA GLU A 150 -10.32 12.73 3.21
C GLU A 150 -10.78 12.96 4.66
N ALA A 151 -10.70 11.90 5.48
CA ALA A 151 -11.08 11.97 6.89
C ALA A 151 -10.26 13.04 7.59
N LEU A 152 -8.96 13.00 7.39
CA LEU A 152 -8.07 13.94 8.06
C LEU A 152 -8.27 15.39 7.58
N ARG A 153 -8.55 15.59 6.29
CA ARG A 153 -8.89 16.93 5.81
C ARG A 153 -10.19 17.49 6.44
N ARG A 154 -11.21 16.66 6.54
CA ARG A 154 -12.44 17.06 7.20
C ARG A 154 -12.16 17.41 8.67
N ILE A 155 -11.36 16.58 9.35
CA ILE A 155 -11.06 16.83 10.72
C ILE A 155 -10.34 18.16 10.86
N ARG A 156 -9.39 18.47 9.97
CA ARG A 156 -8.65 19.73 10.07
C ARG A 156 -9.52 20.95 9.84
N GLU A 157 -10.54 20.81 9.01
CA GLU A 157 -11.53 21.88 8.80
C GLU A 157 -12.43 22.03 10.00
N GLY A 158 -12.38 21.03 10.89
CA GLY A 158 -13.03 21.04 12.19
C GLY A 158 -14.19 20.07 12.38
N ALA A 159 -14.30 19.03 11.56
CA ALA A 159 -15.27 17.97 11.81
C ALA A 159 -14.92 17.23 13.12
N ALA A 160 -15.92 17.04 13.99
CA ALA A 160 -15.73 16.40 15.29
C ALA A 160 -16.05 14.89 15.25
N MET A 161 -16.63 14.44 14.16
CA MET A 161 -17.01 13.05 13.97
C MET A 161 -16.93 12.71 12.48
N ILE A 162 -16.60 11.47 12.16
CA ILE A 162 -16.44 11.06 10.79
C ILE A 162 -17.39 9.92 10.50
N ARG A 163 -17.94 9.97 9.29
CA ARG A 163 -18.86 8.99 8.78
C ARG A 163 -18.15 8.41 7.56
N THR A 164 -17.66 7.19 7.68
CA THR A 164 -17.00 6.53 6.56
C THR A 164 -18.07 5.94 5.65
N LYS A 165 -18.15 6.46 4.42
CA LYS A 165 -19.35 6.37 3.61
C LYS A 165 -19.20 5.40 2.44
N GLY A 166 -20.25 4.60 2.21
CA GLY A 166 -20.35 3.77 1.01
C GLY A 166 -21.27 4.38 -0.03
N GLU A 167 -22.20 3.59 -0.55
CA GLU A 167 -23.18 4.09 -1.52
C GLU A 167 -24.39 4.52 -0.71
N ALA A 168 -24.90 5.69 -1.04
CA ALA A 168 -26.08 6.24 -0.41
C ALA A 168 -27.32 5.74 -1.10
N GLY A 169 -28.24 5.16 -0.32
CA GLY A 169 -29.57 4.84 -0.82
C GLY A 169 -29.70 3.64 -1.74
N THR A 170 -28.81 2.66 -1.66
CA THR A 170 -28.92 1.44 -2.49
C THR A 170 -29.15 0.16 -1.71
N GLY A 171 -28.98 0.19 -0.39
CA GLY A 171 -29.11 -0.98 0.41
C GLY A 171 -27.98 -1.97 0.21
N ASN A 172 -26.91 -1.51 -0.43
CA ASN A 172 -25.79 -2.39 -0.79
C ASN A 172 -24.58 -1.97 0.00
N ILE A 173 -24.10 -2.88 0.83
CA ILE A 173 -23.06 -2.61 1.83
C ILE A 173 -21.64 -2.54 1.23
N ILE A 174 -21.48 -2.90 -0.05
CA ILE A 174 -20.15 -3.16 -0.64
C ILE A 174 -19.19 -2.03 -0.52
N GLU A 175 -19.63 -0.83 -0.85
CA GLU A 175 -18.75 0.33 -0.80
C GLU A 175 -18.45 0.75 0.65
N ALA A 176 -19.42 0.63 1.56
CA ALA A 176 -19.16 0.88 2.98
C ALA A 176 -18.02 -0.03 3.50
N VAL A 177 -18.08 -1.29 3.10
CA VAL A 177 -17.05 -2.25 3.47
C VAL A 177 -15.72 -1.83 2.90
N ARG A 178 -15.70 -1.41 1.62
CA ARG A 178 -14.47 -1.00 0.95
C ARG A 178 -13.85 0.17 1.66
N HIS A 179 -14.68 1.16 1.98
CA HIS A 179 -14.17 2.38 2.59
C HIS A 179 -13.76 2.22 4.03
N VAL A 180 -14.53 1.49 4.83
CA VAL A 180 -14.08 1.12 6.17
C VAL A 180 -12.74 0.34 6.13
N ARG A 181 -12.61 -0.67 5.27
CA ARG A 181 -11.32 -1.41 5.19
C ARG A 181 -10.13 -0.51 4.78
N SER A 182 -10.42 0.50 3.94
CA SER A 182 -9.40 1.38 3.42
C SER A 182 -8.86 2.30 4.53
N VAL A 183 -9.79 2.98 5.22
CA VAL A 183 -9.47 3.88 6.32
C VAL A 183 -8.74 3.13 7.42
N ASN A 184 -9.34 2.05 7.91
CA ASN A 184 -8.73 1.23 8.97
C ASN A 184 -7.43 0.60 8.53
N GLY A 185 -7.35 0.20 7.27
CA GLY A 185 -6.13 -0.39 6.74
C GLY A 185 -4.98 0.57 6.68
N ASP A 186 -5.23 1.81 6.26
CA ASP A 186 -4.19 2.85 6.26
C ASP A 186 -3.76 3.22 7.68
N ILE A 187 -4.68 3.21 8.64
CA ILE A 187 -4.29 3.46 10.03
C ILE A 187 -3.35 2.36 10.54
N ARG A 188 -3.64 1.10 10.23
CA ARG A 188 -2.74 0.02 10.66
C ARG A 188 -1.39 0.10 9.95
N VAL A 189 -1.38 0.42 8.65
CA VAL A 189 -0.12 0.68 7.95
C VAL A 189 0.62 1.83 8.62
N LEU A 190 -0.10 2.90 8.93
CA LEU A 190 0.51 4.09 9.47
C LEU A 190 1.13 3.80 10.83
N ARG A 191 0.43 3.01 11.64
CA ARG A 191 0.84 2.68 13.01
C ARG A 191 2.28 2.17 13.10
N ASN A 192 2.64 1.33 12.15
CA ASN A 192 3.92 0.64 12.13
C ASN A 192 4.97 1.25 11.20
N MET A 193 4.66 2.39 10.58
CA MET A 193 5.48 2.96 9.54
C MET A 193 6.76 3.52 10.12
N ASP A 194 7.87 3.36 9.40
CA ASP A 194 9.10 4.06 9.72
C ASP A 194 8.83 5.56 9.77
N ASP A 195 9.04 6.18 10.94
CA ASP A 195 8.78 7.63 11.12
C ASP A 195 9.29 8.49 9.96
N ASP A 196 10.47 8.15 9.42
CA ASP A 196 11.05 8.93 8.35
C ASP A 196 10.20 8.89 7.07
N GLU A 197 9.38 7.84 6.89
CA GLU A 197 8.51 7.71 5.72
C GLU A 197 7.17 8.46 5.87
N VAL A 198 6.83 8.90 7.07
CA VAL A 198 5.52 9.55 7.30
C VAL A 198 5.34 10.90 6.58
N PHE A 199 6.43 11.64 6.32
CA PHE A 199 6.33 12.90 5.59
C PHE A 199 5.73 12.63 4.20
N THR A 200 6.29 11.63 3.52
CA THR A 200 5.83 11.26 2.17
C THR A 200 4.42 10.62 2.23
N PHE A 201 4.09 9.90 3.28
CA PHE A 201 2.75 9.34 3.42
C PHE A 201 1.75 10.47 3.47
N ALA A 202 2.09 11.49 4.26
CA ALA A 202 1.24 12.67 4.42
C ALA A 202 0.99 13.39 3.09
N LYS A 203 2.09 13.62 2.37
CA LYS A 203 2.04 14.17 1.01
C LYS A 203 1.11 13.34 0.11
N LYS A 204 1.26 12.03 0.15
CA LYS A 204 0.50 11.12 -0.69
C LYS A 204 -0.99 11.11 -0.35
N LEU A 205 -1.33 11.25 0.94
CA LEU A 205 -2.71 11.35 1.38
C LEU A 205 -3.30 12.74 1.17
N ALA A 206 -2.45 13.72 0.83
CA ALA A 206 -2.78 15.14 0.89
C ALA A 206 -3.49 15.49 2.18
N ALA A 207 -2.94 15.02 3.28
CA ALA A 207 -3.48 15.28 4.62
C ALA A 207 -2.46 16.06 5.44
N PRO A 208 -2.92 16.82 6.46
CA PRO A 208 -1.97 17.54 7.33
C PRO A 208 -1.07 16.60 8.18
N TYR A 209 0.24 16.84 8.11
CA TYR A 209 1.22 15.98 8.71
C TYR A 209 0.93 15.75 10.19
N ASP A 210 0.65 16.82 10.94
CA ASP A 210 0.40 16.70 12.37
C ASP A 210 -0.77 15.74 12.71
N LEU A 211 -1.85 15.80 11.93
CA LEU A 211 -2.96 14.88 12.11
C LEU A 211 -2.61 13.44 11.72
N VAL A 212 -1.76 13.25 10.70
CA VAL A 212 -1.28 11.92 10.34
C VAL A 212 -0.50 11.27 11.53
N MET A 213 0.51 11.98 12.02
CA MET A 213 1.25 11.60 13.24
C MET A 213 0.37 11.37 14.45
N GLN A 214 -0.63 12.23 14.65
CA GLN A 214 -1.60 12.00 15.73
C GLN A 214 -2.35 10.68 15.51
N THR A 215 -2.73 10.42 14.27
CA THR A 215 -3.37 9.14 13.95
C THR A 215 -2.40 7.96 14.23
N LYS A 216 -1.14 8.12 13.86
CA LYS A 216 -0.09 7.10 14.10
C LYS A 216 0.04 6.79 15.60
N GLN A 217 0.23 7.82 16.41
CA GLN A 217 0.39 7.72 17.88
C GLN A 217 -0.81 7.02 18.57
N LEU A 218 -2.03 7.41 18.20
CA LEU A 218 -3.25 6.79 18.76
C LEU A 218 -3.55 5.40 18.25
N GLY A 219 -3.09 5.07 17.04
CA GLY A 219 -3.53 3.85 16.36
C GLY A 219 -5.01 3.82 16.02
N ARG A 220 -5.63 4.99 15.89
CA ARG A 220 -7.02 5.08 15.48
C ARG A 220 -7.33 6.49 15.03
N LEU A 221 -8.48 6.67 14.41
CA LEU A 221 -8.90 7.98 13.96
C LEU A 221 -8.99 8.90 15.21
N PRO A 222 -8.55 10.16 15.10
CA PRO A 222 -8.62 11.06 16.27
C PRO A 222 -10.02 11.45 16.73
N VAL A 223 -11.05 10.97 16.05
CA VAL A 223 -12.42 11.28 16.38
C VAL A 223 -13.24 10.03 16.16
N VAL A 224 -14.47 10.08 16.66
CA VAL A 224 -15.44 9.03 16.54
C VAL A 224 -15.63 8.73 15.07
N GLN A 225 -15.53 7.45 14.72
CA GLN A 225 -15.72 6.98 13.35
C GLN A 225 -16.88 6.00 13.26
N PHE A 226 -17.89 6.36 12.50
CA PHE A 226 -19.06 5.53 12.23
C PHE A 226 -19.09 5.04 10.78
N ALA A 227 -19.88 3.99 10.52
CA ALA A 227 -20.10 3.54 9.17
C ALA A 227 -21.42 4.11 8.68
N ALA A 228 -21.48 4.33 7.37
CA ALA A 228 -22.71 4.67 6.70
C ALA A 228 -22.63 4.16 5.28
N GLY A 229 -23.81 3.90 4.72
CA GLY A 229 -23.96 3.58 3.31
C GLY A 229 -24.39 2.18 3.05
N GLY A 230 -25.70 1.96 2.99
CA GLY A 230 -26.25 0.69 2.55
C GLY A 230 -26.52 -0.32 3.65
N VAL A 231 -26.51 0.13 4.90
CA VAL A 231 -26.74 -0.76 6.04
C VAL A 231 -28.23 -1.05 5.99
N ALA A 232 -28.57 -2.28 5.64
CA ALA A 232 -29.97 -2.69 5.44
C ALA A 232 -30.46 -3.77 6.40
N THR A 233 -29.57 -4.57 6.94
CA THR A 233 -29.94 -5.62 7.86
C THR A 233 -29.12 -5.55 9.12
N PRO A 234 -29.64 -6.18 10.20
CA PRO A 234 -28.85 -6.32 11.44
C PRO A 234 -27.49 -6.91 11.16
N ALA A 235 -27.42 -7.87 10.24
CA ALA A 235 -26.13 -8.45 9.83
C ALA A 235 -25.17 -7.40 9.26
N ASP A 236 -25.67 -6.49 8.42
CA ASP A 236 -24.81 -5.43 7.88
C ASP A 236 -24.30 -4.53 9.04
N ALA A 237 -25.18 -4.19 9.98
CA ALA A 237 -24.82 -3.26 11.07
C ALA A 237 -23.76 -3.86 11.97
N ALA A 238 -23.93 -5.14 12.32
CA ALA A 238 -22.92 -5.89 13.07
C ALA A 238 -21.58 -6.02 12.34
N LEU A 239 -21.61 -6.23 11.03
CA LEU A 239 -20.39 -6.32 10.20
C LEU A 239 -19.54 -5.08 10.35
N MET A 240 -20.17 -3.92 10.20
CA MET A 240 -19.51 -2.63 10.39
C MET A 240 -18.85 -2.53 11.76
N MET A 241 -19.56 -2.98 12.80
CA MET A 241 -18.97 -2.98 14.14
C MET A 241 -17.79 -3.91 14.23
N GLN A 242 -17.87 -5.11 13.65
CA GLN A 242 -16.74 -6.05 13.68
C GLN A 242 -15.54 -5.60 12.87
N LEU A 243 -15.75 -4.84 11.80
CA LEU A 243 -14.65 -4.22 11.05
C LEU A 243 -13.98 -3.04 11.80
N GLY A 244 -14.53 -2.61 12.92
CA GLY A 244 -13.85 -1.66 13.82
C GLY A 244 -14.48 -0.31 13.97
N CYS A 245 -15.69 -0.12 13.43
CA CYS A 245 -16.40 1.13 13.56
C CYS A 245 -16.96 1.32 14.98
N ASP A 246 -17.13 2.58 15.36
CA ASP A 246 -17.68 2.95 16.65
C ASP A 246 -19.20 2.93 16.72
N GLY A 247 -19.86 2.85 15.55
CA GLY A 247 -21.33 2.90 15.44
C GLY A 247 -21.75 2.98 13.99
N VAL A 248 -23.05 3.11 13.71
CA VAL A 248 -23.48 3.20 12.30
C VAL A 248 -24.61 4.23 12.10
N PHE A 249 -24.63 4.82 10.90
CA PHE A 249 -25.77 5.59 10.40
C PHE A 249 -26.66 4.64 9.57
N VAL A 250 -27.97 4.82 9.68
CA VAL A 250 -28.90 4.17 8.79
C VAL A 250 -29.81 5.25 8.20
N GLY A 251 -29.64 5.48 6.89
CA GLY A 251 -30.41 6.47 6.14
C GLY A 251 -31.74 5.97 5.61
N SER A 252 -31.68 4.92 4.79
CA SER A 252 -32.81 4.41 4.01
C SER A 252 -33.35 3.04 4.51
N GLY A 253 -32.46 2.19 5.01
CA GLY A 253 -32.76 0.79 5.33
C GLY A 253 -33.90 0.51 6.30
N ILE A 254 -34.25 1.51 7.10
CA ILE A 254 -35.32 1.44 8.09
C ILE A 254 -36.64 1.93 7.53
N PHE A 255 -36.67 3.14 6.98
CA PHE A 255 -37.94 3.71 6.51
C PHE A 255 -38.32 3.34 5.07
N LYS A 256 -37.43 2.63 4.36
CA LYS A 256 -37.78 2.01 3.06
C LYS A 256 -38.04 0.50 3.20
N SER A 257 -38.08 -0.02 4.44
CA SER A 257 -38.42 -1.42 4.69
C SER A 257 -39.90 -1.57 5.02
N GLY A 258 -40.33 -2.83 5.08
CA GLY A 258 -41.72 -3.18 5.38
C GLY A 258 -42.14 -2.97 6.83
N ASP A 259 -41.21 -3.07 7.78
CA ASP A 259 -41.55 -2.82 9.18
C ASP A 259 -40.50 -1.97 9.88
N PRO A 260 -40.53 -0.64 9.67
CA PRO A 260 -39.49 0.26 10.18
C PRO A 260 -39.23 0.20 11.70
N ALA A 261 -40.28 0.11 12.51
CA ALA A 261 -40.09 0.11 13.98
C ALA A 261 -39.34 -1.14 14.45
N ARG A 262 -39.79 -2.31 13.99
CA ARG A 262 -39.13 -3.57 14.30
C ARG A 262 -37.70 -3.59 13.78
N ARG A 263 -37.51 -3.14 12.54
CA ARG A 263 -36.21 -3.21 11.90
C ARG A 263 -35.24 -2.25 12.58
N ALA A 264 -35.71 -1.06 12.91
CA ALA A 264 -34.92 -0.12 13.68
C ALA A 264 -34.39 -0.75 14.97
N ARG A 265 -35.27 -1.48 15.66
CA ARG A 265 -34.92 -2.01 16.98
C ARG A 265 -33.89 -3.14 16.85
N ALA A 266 -34.11 -4.00 15.88
CA ALA A 266 -33.19 -5.09 15.53
C ALA A 266 -31.80 -4.61 15.19
N ILE A 267 -31.71 -3.50 14.47
CA ILE A 267 -30.43 -2.91 14.07
C ILE A 267 -29.73 -2.33 15.29
N VAL A 268 -30.50 -1.66 16.16
CA VAL A 268 -29.95 -1.16 17.43
C VAL A 268 -29.37 -2.30 18.26
N GLN A 269 -30.14 -3.36 18.37
CA GLN A 269 -29.68 -4.51 19.17
C GLN A 269 -28.46 -5.22 18.54
N ALA A 270 -28.43 -5.28 17.21
CA ALA A 270 -27.32 -5.82 16.49
C ALA A 270 -26.03 -5.08 16.79
N VAL A 271 -26.13 -3.75 16.88
CA VAL A 271 -24.94 -2.94 17.16
C VAL A 271 -24.52 -3.09 18.60
N THR A 272 -25.49 -3.16 19.50
CA THR A 272 -25.17 -3.42 20.92
C THR A 272 -24.56 -4.79 21.11
N HIS A 273 -25.05 -5.78 20.38
CA HIS A 273 -24.65 -7.19 20.53
C HIS A 273 -23.87 -7.75 19.33
N TYR A 274 -23.00 -6.92 18.75
CA TYR A 274 -22.40 -7.28 17.46
C TYR A 274 -21.56 -8.54 17.46
N SER A 275 -21.06 -8.99 18.61
CA SER A 275 -20.23 -10.20 18.61
C SER A 275 -20.96 -11.42 19.16
N ASP A 276 -22.29 -11.40 19.11
CA ASP A 276 -23.16 -12.43 19.69
C ASP A 276 -24.09 -12.99 18.59
N PRO A 277 -23.67 -14.09 17.93
CA PRO A 277 -24.45 -14.62 16.84
C PRO A 277 -25.82 -15.12 17.25
N GLU A 278 -25.92 -15.69 18.45
CA GLU A 278 -27.23 -16.13 18.95
C GLU A 278 -28.17 -14.93 18.99
N MET A 279 -27.70 -13.80 19.51
CA MET A 279 -28.54 -12.61 19.53
C MET A 279 -28.84 -12.11 18.12
N LEU A 280 -27.81 -12.11 17.28
CA LEU A 280 -27.96 -11.67 15.87
C LEU A 280 -29.01 -12.50 15.16
N VAL A 281 -29.01 -13.82 15.40
CA VAL A 281 -30.06 -14.70 14.88
C VAL A 281 -31.43 -14.23 15.38
N GLU A 282 -31.52 -14.00 16.69
CA GLU A 282 -32.80 -13.67 17.32
C GLU A 282 -33.44 -12.39 16.79
N VAL A 283 -32.65 -11.32 16.72
CA VAL A 283 -33.19 -10.04 16.26
C VAL A 283 -33.43 -9.98 14.76
N SER A 284 -32.72 -10.85 14.01
CA SER A 284 -32.88 -10.92 12.56
C SER A 284 -34.09 -11.75 12.15
N CYS A 285 -34.68 -12.49 13.08
CA CYS A 285 -35.64 -13.52 12.75
C CYS A 285 -37.05 -12.96 12.56
N GLY A 286 -37.64 -13.24 11.40
CA GLY A 286 -38.97 -12.76 11.03
C GLY A 286 -39.12 -11.26 11.06
N LEU A 287 -38.22 -10.56 10.35
CA LEU A 287 -38.15 -9.09 10.35
C LEU A 287 -39.04 -8.40 9.31
N GLY A 288 -39.55 -9.17 8.34
CA GLY A 288 -40.32 -8.60 7.24
C GLY A 288 -39.41 -8.10 6.14
N GLU A 289 -40.00 -7.43 5.16
CA GLU A 289 -39.32 -7.14 3.90
C GLU A 289 -38.30 -5.98 4.08
N ALA A 290 -37.04 -6.28 3.86
CA ALA A 290 -35.96 -5.28 3.80
C ALA A 290 -36.13 -4.39 2.59
N MET A 291 -35.42 -3.25 2.57
CA MET A 291 -35.45 -2.39 1.38
C MET A 291 -34.84 -3.19 0.21
N VAL A 292 -35.53 -3.16 -0.93
CA VAL A 292 -35.11 -3.96 -2.09
C VAL A 292 -33.77 -3.39 -2.59
N GLY A 293 -33.74 -2.06 -2.71
CA GLY A 293 -32.52 -1.37 -3.09
C GLY A 293 -32.16 -1.63 -4.54
N ILE A 294 -30.90 -1.35 -4.87
CA ILE A 294 -30.44 -1.33 -6.26
C ILE A 294 -29.03 -1.94 -6.26
N ASN A 295 -28.78 -2.85 -7.19
CA ASN A 295 -27.42 -3.36 -7.47
C ASN A 295 -26.85 -2.62 -8.70
N LEU A 296 -25.86 -1.74 -8.45
CA LEU A 296 -25.30 -0.87 -9.50
C LEU A 296 -24.37 -1.58 -10.52
N ASN A 297 -23.72 -2.68 -10.11
CA ASN A 297 -22.75 -3.44 -10.94
C ASN A 297 -23.34 -4.03 -12.23
N LYS B 20 -7.06 -36.40 10.75
CA LYS B 20 -6.91 -35.80 12.13
C LYS B 20 -7.40 -34.32 12.25
N SER B 21 -7.04 -33.43 11.30
CA SER B 21 -7.26 -31.95 11.47
C SER B 21 -8.71 -31.46 11.30
N PRO B 22 -9.07 -30.33 11.92
CA PRO B 22 -10.42 -29.75 11.72
C PRO B 22 -10.82 -29.56 10.24
N PHE B 23 -9.92 -29.07 9.39
CA PHE B 23 -10.23 -28.83 7.97
C PHE B 23 -10.49 -30.12 7.23
N SER B 24 -9.63 -31.11 7.44
CA SER B 24 -9.76 -32.40 6.77
C SER B 24 -11.06 -33.09 7.15
N VAL B 25 -11.50 -32.94 8.38
CA VAL B 25 -12.81 -33.46 8.77
C VAL B 25 -13.94 -32.77 7.99
N LYS B 26 -13.84 -31.45 7.80
CA LYS B 26 -14.81 -30.69 6.99
C LYS B 26 -14.82 -31.19 5.53
N VAL B 27 -13.62 -31.46 5.01
CA VAL B 27 -13.49 -31.97 3.66
C VAL B 27 -14.18 -33.34 3.51
N GLY B 28 -13.99 -34.21 4.51
CA GLY B 28 -14.71 -35.49 4.60
C GLY B 28 -16.22 -35.41 4.65
N LEU B 29 -16.76 -34.39 5.31
CA LEU B 29 -18.22 -34.26 5.36
C LEU B 29 -18.74 -34.07 3.95
N ALA B 30 -18.11 -33.15 3.20
CA ALA B 30 -18.46 -32.86 1.80
C ALA B 30 -18.31 -34.06 0.86
N GLN B 31 -17.34 -34.94 1.11
CA GLN B 31 -17.17 -36.19 0.36
C GLN B 31 -18.44 -37.02 0.35
N MET B 32 -19.16 -37.05 1.47
CA MET B 32 -20.44 -37.77 1.56
C MET B 32 -21.47 -37.40 0.47
N LEU B 33 -21.29 -36.27 -0.20
CA LEU B 33 -22.25 -35.80 -1.19
C LEU B 33 -21.94 -36.23 -2.61
N ARG B 34 -20.75 -36.77 -2.86
CA ARG B 34 -20.43 -37.40 -4.15
C ARG B 34 -21.65 -38.11 -4.75
N GLY B 35 -21.87 -37.93 -6.04
CA GLY B 35 -22.96 -38.57 -6.75
C GLY B 35 -24.31 -37.92 -6.59
N GLY B 36 -24.33 -36.73 -5.97
CA GLY B 36 -25.57 -36.07 -5.60
C GLY B 36 -25.91 -34.84 -6.42
N VAL B 37 -27.13 -34.37 -6.21
CA VAL B 37 -27.64 -33.16 -6.80
C VAL B 37 -28.13 -32.27 -5.68
N ILE B 38 -27.60 -31.05 -5.62
CA ILE B 38 -28.02 -30.07 -4.62
C ILE B 38 -28.97 -29.10 -5.30
N MET B 39 -30.15 -28.92 -4.70
CA MET B 39 -31.19 -28.08 -5.28
C MET B 39 -31.43 -26.81 -4.47
N ASP B 40 -31.28 -25.66 -5.11
CA ASP B 40 -31.73 -24.38 -4.55
C ASP B 40 -33.25 -24.44 -4.28
N VAL B 41 -33.65 -24.03 -3.09
CA VAL B 41 -35.05 -23.99 -2.67
C VAL B 41 -35.26 -22.64 -1.99
N VAL B 42 -36.43 -22.05 -2.18
CA VAL B 42 -36.71 -20.75 -1.57
C VAL B 42 -37.76 -20.84 -0.46
N ASN B 43 -38.46 -21.96 -0.37
CA ASN B 43 -39.39 -22.22 0.74
C ASN B 43 -39.51 -23.69 1.14
N ALA B 44 -40.31 -23.96 2.16
CA ALA B 44 -40.48 -25.32 2.67
C ALA B 44 -41.13 -26.27 1.66
N GLU B 45 -42.00 -25.74 0.78
CA GLU B 45 -42.62 -26.60 -0.24
C GLU B 45 -41.56 -27.13 -1.22
N GLN B 46 -40.80 -26.20 -1.82
CA GLN B 46 -39.70 -26.57 -2.74
C GLN B 46 -38.71 -27.52 -2.05
N ALA B 47 -38.42 -27.26 -0.77
CA ALA B 47 -37.51 -28.11 0.01
C ALA B 47 -38.00 -29.54 0.05
N ARG B 48 -39.30 -29.69 0.26
CA ARG B 48 -39.96 -31.01 0.23
C ARG B 48 -39.86 -31.64 -1.15
N ILE B 49 -40.25 -30.89 -2.18
CA ILE B 49 -40.11 -31.35 -3.57
C ILE B 49 -38.71 -31.93 -3.79
N ALA B 50 -37.68 -31.21 -3.34
CA ALA B 50 -36.28 -31.66 -3.48
C ALA B 50 -35.95 -32.99 -2.78
N GLU B 51 -36.36 -33.16 -1.53
CA GLU B 51 -36.10 -34.41 -0.81
C GLU B 51 -36.87 -35.58 -1.44
N GLU B 52 -38.16 -35.38 -1.68
CA GLU B 52 -39.00 -36.30 -2.47
C GLU B 52 -38.23 -36.81 -3.71
N ALA B 53 -37.71 -35.87 -4.49
CA ALA B 53 -37.02 -36.18 -5.75
C ALA B 53 -35.62 -36.79 -5.63
N GLY B 54 -35.09 -36.89 -4.42
CA GLY B 54 -33.84 -37.61 -4.17
C GLY B 54 -32.60 -36.73 -4.08
N ALA B 55 -32.82 -35.41 -3.91
CA ALA B 55 -31.71 -34.45 -3.70
C ALA B 55 -30.85 -34.92 -2.55
N CYS B 56 -29.53 -34.77 -2.68
CA CYS B 56 -28.59 -35.03 -1.59
C CYS B 56 -28.55 -33.88 -0.57
N ALA B 57 -29.07 -32.71 -0.95
CA ALA B 57 -29.12 -31.57 -0.05
C ALA B 57 -29.95 -30.48 -0.69
N VAL B 58 -30.39 -29.57 0.16
CA VAL B 58 -31.10 -28.41 -0.30
C VAL B 58 -30.26 -27.19 0.04
N MET B 59 -30.41 -26.16 -0.78
CA MET B 59 -29.72 -24.91 -0.63
C MET B 59 -30.76 -23.79 -0.49
N ALA B 60 -30.91 -23.27 0.71
CA ALA B 60 -31.84 -22.16 0.97
C ALA B 60 -31.26 -20.82 0.51
N LEU B 61 -32.05 -20.12 -0.29
CA LEU B 61 -31.74 -18.76 -0.71
C LEU B 61 -33.04 -18.03 -1.01
N GLU B 62 -32.96 -16.71 -1.10
CA GLU B 62 -34.15 -15.83 -1.17
C GLU B 62 -34.96 -15.98 -2.45
N ARG B 63 -34.25 -16.03 -3.57
CA ARG B 63 -34.82 -16.14 -4.90
C ARG B 63 -33.84 -16.98 -5.70
N VAL B 64 -34.33 -17.83 -6.58
CA VAL B 64 -33.45 -18.63 -7.45
C VAL B 64 -32.63 -17.70 -8.39
N PRO B 65 -31.47 -18.16 -8.88
CA PRO B 65 -30.64 -17.25 -9.66
C PRO B 65 -31.33 -16.58 -10.86
N ALA B 66 -32.18 -17.32 -11.56
CA ALA B 66 -32.92 -16.73 -12.70
C ALA B 66 -33.78 -15.53 -12.30
N ASP B 67 -34.35 -15.55 -11.08
CA ASP B 67 -35.18 -14.46 -10.58
C ASP B 67 -34.32 -13.26 -10.19
N ILE B 68 -33.19 -13.52 -9.50
CA ILE B 68 -32.23 -12.46 -9.16
C ILE B 68 -31.75 -11.74 -10.42
N ARG B 69 -31.40 -12.52 -11.45
CA ARG B 69 -31.02 -12.00 -12.76
C ARG B 69 -32.11 -11.11 -13.37
N ALA B 70 -33.31 -11.65 -13.51
CA ALA B 70 -34.42 -10.93 -14.14
C ALA B 70 -34.93 -9.72 -13.35
N GLN B 71 -34.95 -9.84 -12.01
CA GLN B 71 -35.56 -8.82 -11.15
C GLN B 71 -34.61 -7.72 -10.69
N GLY B 72 -33.31 -7.98 -10.68
CA GLY B 72 -32.37 -7.03 -10.07
C GLY B 72 -32.56 -6.96 -8.58
N GLY B 73 -32.15 -5.84 -7.97
CA GLY B 73 -32.19 -5.64 -6.51
C GLY B 73 -30.99 -6.24 -5.77
N VAL B 74 -30.74 -5.77 -4.55
CA VAL B 74 -29.72 -6.40 -3.69
C VAL B 74 -30.22 -7.77 -3.20
N ALA B 75 -29.36 -8.78 -3.33
CA ALA B 75 -29.69 -10.13 -2.89
C ALA B 75 -28.82 -10.52 -1.72
N ARG B 76 -29.45 -10.90 -0.61
CA ARG B 76 -28.72 -11.20 0.63
C ARG B 76 -29.07 -12.59 1.20
N MET B 77 -28.40 -12.99 2.27
CA MET B 77 -28.83 -14.09 3.13
C MET B 77 -30.38 -14.13 3.30
N SER B 78 -30.98 -15.31 3.20
CA SER B 78 -32.44 -15.45 3.50
C SER B 78 -32.74 -15.10 4.97
N ASP B 79 -33.97 -14.67 5.22
CA ASP B 79 -34.44 -14.44 6.60
C ASP B 79 -34.24 -15.73 7.42
N PRO B 80 -33.58 -15.65 8.59
CA PRO B 80 -33.34 -16.84 9.42
C PRO B 80 -34.59 -17.70 9.67
N GLN B 81 -35.77 -17.05 9.72
CA GLN B 81 -37.06 -17.75 9.85
C GLN B 81 -37.31 -18.73 8.72
N MET B 82 -37.14 -18.27 7.48
CA MET B 82 -37.31 -19.10 6.28
C MET B 82 -36.35 -20.29 6.29
N ILE B 83 -35.12 -20.06 6.75
CA ILE B 83 -34.13 -21.13 6.81
C ILE B 83 -34.57 -22.17 7.85
N LYS B 84 -35.07 -21.70 9.00
CA LYS B 84 -35.55 -22.61 10.05
C LYS B 84 -36.71 -23.45 9.53
N GLU B 85 -37.64 -22.83 8.83
CA GLU B 85 -38.75 -23.56 8.22
C GLU B 85 -38.25 -24.61 7.21
N ILE B 86 -37.19 -24.31 6.45
CA ILE B 86 -36.63 -25.29 5.51
C ILE B 86 -35.93 -26.42 6.26
N LYS B 87 -35.11 -26.07 7.23
CA LYS B 87 -34.41 -27.08 8.05
C LYS B 87 -35.39 -28.07 8.75
N GLN B 88 -36.50 -27.54 9.25
CA GLN B 88 -37.54 -28.33 9.91
C GLN B 88 -38.29 -29.27 8.94
N ALA B 89 -38.36 -28.88 7.66
CA ALA B 89 -39.13 -29.63 6.68
C ALA B 89 -38.38 -30.83 6.06
N VAL B 90 -37.10 -31.04 6.39
CA VAL B 90 -36.31 -32.11 5.75
C VAL B 90 -35.30 -32.73 6.68
N THR B 91 -34.88 -33.93 6.32
CA THR B 91 -33.89 -34.72 7.04
C THR B 91 -32.55 -34.80 6.30
N ILE B 92 -32.53 -34.49 4.99
CA ILE B 92 -31.27 -34.35 4.26
C ILE B 92 -30.53 -33.06 4.66
N PRO B 93 -29.22 -32.95 4.39
CA PRO B 93 -28.47 -31.74 4.82
C PRO B 93 -29.01 -30.45 4.24
N VAL B 94 -28.93 -29.38 5.04
CA VAL B 94 -29.42 -28.06 4.65
C VAL B 94 -28.25 -27.11 4.49
N MET B 95 -28.14 -26.53 3.30
CA MET B 95 -27.14 -25.51 3.00
C MET B 95 -27.86 -24.18 2.81
N ALA B 96 -27.14 -23.09 3.05
CA ALA B 96 -27.69 -21.76 2.79
C ALA B 96 -26.57 -20.85 2.30
N LYS B 97 -26.96 -19.78 1.63
CA LYS B 97 -26.02 -18.91 0.94
C LYS B 97 -25.81 -17.61 1.69
N ALA B 98 -24.57 -17.13 1.67
CA ALA B 98 -24.19 -15.84 2.22
C ALA B 98 -23.44 -15.06 1.15
N ARG B 99 -23.48 -13.73 1.29
CA ARG B 99 -22.79 -12.88 0.35
C ARG B 99 -21.31 -13.01 0.59
N ILE B 100 -20.58 -12.96 -0.52
CA ILE B 100 -19.12 -12.99 -0.52
C ILE B 100 -18.54 -11.87 0.39
N GLY B 101 -17.70 -12.29 1.32
CA GLY B 101 -17.14 -11.41 2.31
C GLY B 101 -18.01 -11.06 3.51
N HIS B 102 -19.29 -11.51 3.54
CA HIS B 102 -20.20 -11.09 4.60
C HIS B 102 -20.10 -12.10 5.72
N PHE B 103 -19.08 -11.93 6.53
CA PHE B 103 -18.80 -12.96 7.54
C PHE B 103 -19.82 -13.00 8.67
N VAL B 104 -20.55 -11.91 8.86
CA VAL B 104 -21.59 -11.87 9.86
C VAL B 104 -22.82 -12.65 9.43
N GLU B 105 -23.13 -12.62 8.13
CA GLU B 105 -24.23 -13.40 7.61
C GLU B 105 -23.96 -14.87 7.87
N ALA B 106 -22.69 -15.24 7.76
CA ALA B 106 -22.25 -16.59 7.89
C ALA B 106 -22.28 -17.00 9.36
N GLN B 107 -21.89 -16.08 10.25
CA GLN B 107 -22.04 -16.33 11.72
C GLN B 107 -23.48 -16.66 12.08
N ILE B 108 -24.39 -15.90 11.52
CA ILE B 108 -25.82 -16.07 11.75
C ILE B 108 -26.27 -17.43 11.23
N LEU B 109 -25.95 -17.70 9.97
CA LEU B 109 -26.26 -19.00 9.36
C LEU B 109 -25.69 -20.15 10.20
N GLU B 110 -24.46 -20.02 10.70
CA GLU B 110 -23.88 -21.08 11.54
C GLU B 110 -24.65 -21.21 12.85
N ALA B 111 -24.97 -20.09 13.49
CA ALA B 111 -25.73 -20.11 14.73
C ALA B 111 -27.18 -20.71 14.60
N ILE B 112 -27.75 -20.67 13.39
CA ILE B 112 -29.06 -21.32 13.18
C ILE B 112 -28.93 -22.85 13.25
N GLY B 113 -27.74 -23.38 12.97
CA GLY B 113 -27.48 -24.81 13.07
C GLY B 113 -27.72 -25.56 11.77
N ILE B 114 -27.62 -24.87 10.64
CA ILE B 114 -27.54 -25.57 9.34
C ILE B 114 -26.21 -26.30 9.15
N ASP B 115 -26.11 -27.06 8.06
CA ASP B 115 -24.99 -27.97 7.80
C ASP B 115 -23.89 -27.42 6.90
N TYR B 116 -24.24 -26.58 5.92
CA TYR B 116 -23.22 -25.94 5.06
C TYR B 116 -23.59 -24.50 4.74
N ILE B 117 -22.56 -23.67 4.58
CA ILE B 117 -22.72 -22.33 4.01
C ILE B 117 -22.08 -22.26 2.62
N ASP B 118 -22.78 -21.63 1.70
CA ASP B 118 -22.30 -21.35 0.36
C ASP B 118 -22.06 -19.84 0.24
N GLU B 119 -20.79 -19.46 0.26
CA GLU B 119 -20.37 -18.10 -0.02
C GLU B 119 -20.55 -17.92 -1.53
N SER B 120 -21.69 -17.36 -1.92
CA SER B 120 -22.14 -17.40 -3.30
C SER B 120 -22.11 -16.09 -4.05
N GLU B 121 -21.45 -16.10 -5.20
CA GLU B 121 -21.49 -15.04 -6.18
C GLU B 121 -22.87 -14.75 -6.81
N VAL B 122 -23.87 -15.58 -6.59
CA VAL B 122 -25.23 -15.25 -7.04
C VAL B 122 -25.85 -14.15 -6.18
N LEU B 123 -25.49 -14.11 -4.90
CA LEU B 123 -25.92 -13.02 -4.02
C LEU B 123 -25.06 -11.79 -4.32
N THR B 124 -25.50 -10.61 -3.90
CA THR B 124 -24.76 -9.40 -4.16
C THR B 124 -23.48 -9.36 -3.32
N LEU B 125 -22.36 -9.15 -4.01
CA LEU B 125 -21.04 -9.04 -3.38
C LEU B 125 -21.05 -8.01 -2.26
N ALA B 126 -20.49 -8.39 -1.10
CA ALA B 126 -20.37 -7.45 0.02
C ALA B 126 -18.95 -6.96 0.22
N ASP B 127 -17.97 -7.71 -0.26
CA ASP B 127 -16.59 -7.31 -0.13
C ASP B 127 -15.87 -7.68 -1.42
N GLU B 128 -15.57 -6.67 -2.22
CA GLU B 128 -14.88 -6.86 -3.50
C GLU B 128 -13.43 -7.39 -3.42
N ASP B 129 -12.73 -7.23 -2.29
CA ASP B 129 -11.32 -7.60 -2.24
C ASP B 129 -11.02 -8.84 -1.45
N HIS B 130 -11.95 -9.26 -0.61
CA HIS B 130 -11.71 -10.33 0.33
C HIS B 130 -12.88 -11.25 0.46
N HIS B 131 -12.61 -12.55 0.51
CA HIS B 131 -13.64 -13.51 0.90
C HIS B 131 -13.63 -13.73 2.41
N ILE B 132 -14.67 -14.41 2.88
CA ILE B 132 -14.81 -14.81 4.26
C ILE B 132 -13.65 -15.70 4.67
N ASN B 133 -13.14 -15.50 5.88
CA ASN B 133 -12.12 -16.38 6.40
C ASN B 133 -12.81 -17.63 6.94
N LYS B 134 -12.86 -18.67 6.12
CA LYS B 134 -13.72 -19.79 6.38
C LYS B 134 -13.12 -20.77 7.41
N HIS B 135 -11.82 -20.69 7.66
CA HIS B 135 -11.25 -21.45 8.77
C HIS B 135 -11.77 -21.05 10.14
N ASN B 136 -12.36 -19.85 10.28
CA ASN B 136 -12.89 -19.42 11.59
C ASN B 136 -14.21 -20.04 11.94
N PHE B 137 -14.75 -20.92 11.09
CA PHE B 137 -16.08 -21.49 11.31
C PHE B 137 -16.00 -22.97 11.60
N ARG B 138 -17.02 -23.49 12.26
CA ARG B 138 -17.11 -24.91 12.56
C ARG B 138 -17.67 -25.70 11.38
N ILE B 139 -18.69 -25.18 10.71
CA ILE B 139 -19.32 -25.89 9.60
C ILE B 139 -18.56 -25.67 8.25
N PRO B 140 -18.67 -26.65 7.32
CA PRO B 140 -17.98 -26.52 6.04
C PRO B 140 -18.64 -25.49 5.12
N PHE B 141 -17.83 -24.92 4.24
CA PHE B 141 -18.27 -23.94 3.25
C PHE B 141 -18.12 -24.51 1.83
N VAL B 142 -19.04 -24.10 0.96
CA VAL B 142 -18.83 -24.13 -0.49
C VAL B 142 -18.47 -22.74 -1.01
N CYS B 143 -17.57 -22.71 -1.99
CA CYS B 143 -17.26 -21.52 -2.79
C CYS B 143 -17.29 -21.88 -4.28
N GLY B 144 -17.63 -20.89 -5.09
CA GLY B 144 -17.51 -21.01 -6.54
C GLY B 144 -16.09 -20.78 -7.07
N CYS B 145 -15.88 -21.14 -8.33
CA CYS B 145 -14.65 -20.86 -9.06
C CYS B 145 -14.93 -20.96 -10.55
N ARG B 146 -14.07 -20.32 -11.31
CA ARG B 146 -14.07 -20.43 -12.75
C ARG B 146 -12.77 -20.97 -13.32
N ASN B 147 -11.76 -21.17 -12.48
CA ASN B 147 -10.49 -21.77 -12.86
C ASN B 147 -9.81 -22.37 -11.62
N LEU B 148 -8.72 -23.11 -11.85
CA LEU B 148 -7.99 -23.81 -10.81
C LEU B 148 -7.39 -22.87 -9.77
N GLY B 149 -6.80 -21.78 -10.24
CA GLY B 149 -6.21 -20.77 -9.36
C GLY B 149 -7.22 -20.30 -8.34
N GLU B 150 -8.39 -19.92 -8.83
CA GLU B 150 -9.49 -19.51 -7.95
C GLU B 150 -9.86 -20.58 -6.93
N ALA B 151 -10.08 -21.80 -7.41
CA ALA B 151 -10.52 -22.90 -6.54
C ALA B 151 -9.57 -23.03 -5.37
N LEU B 152 -8.29 -23.06 -5.70
CA LEU B 152 -7.23 -23.23 -4.73
C LEU B 152 -7.12 -22.07 -3.73
N ARG B 153 -7.39 -20.84 -4.16
CA ARG B 153 -7.44 -19.72 -3.24
C ARG B 153 -8.63 -19.89 -2.30
N ARG B 154 -9.78 -20.29 -2.82
CA ARG B 154 -10.95 -20.49 -1.98
C ARG B 154 -10.68 -21.58 -0.93
N ILE B 155 -10.01 -22.64 -1.36
CA ILE B 155 -9.62 -23.73 -0.47
C ILE B 155 -8.63 -23.25 0.60
N ARG B 156 -7.68 -22.42 0.27
CA ARG B 156 -6.74 -21.92 1.30
C ARG B 156 -7.43 -21.05 2.34
N GLU B 157 -8.50 -20.38 1.93
CA GLU B 157 -9.30 -19.59 2.84
C GLU B 157 -10.17 -20.48 3.76
N GLY B 158 -10.32 -21.77 3.40
CA GLY B 158 -11.06 -22.76 4.16
C GLY B 158 -12.30 -23.36 3.51
N ALA B 159 -12.52 -23.13 2.22
CA ALA B 159 -13.62 -23.81 1.53
C ALA B 159 -13.35 -25.32 1.53
N ALA B 160 -14.37 -26.10 1.90
CA ALA B 160 -14.28 -27.56 1.96
C ALA B 160 -14.88 -28.23 0.72
N MET B 161 -15.48 -27.42 -0.15
CA MET B 161 -16.17 -27.88 -1.34
C MET B 161 -16.18 -26.75 -2.39
N ILE B 162 -15.95 -27.11 -3.65
CA ILE B 162 -15.82 -26.16 -4.76
C ILE B 162 -16.91 -26.47 -5.76
N ARG B 163 -17.51 -25.41 -6.24
CA ARG B 163 -18.58 -25.42 -7.18
C ARG B 163 -17.98 -24.72 -8.39
N THR B 164 -17.80 -25.44 -9.49
CA THR B 164 -17.25 -24.83 -10.70
C THR B 164 -18.41 -24.24 -11.49
N LYS B 165 -18.38 -22.91 -11.64
CA LYS B 165 -19.57 -22.13 -11.96
C LYS B 165 -19.54 -21.66 -13.40
N GLY B 166 -20.66 -21.83 -14.09
CA GLY B 166 -20.89 -21.27 -15.40
C GLY B 166 -21.67 -19.97 -15.32
N GLU B 167 -22.64 -19.83 -16.22
CA GLU B 167 -23.54 -18.67 -16.13
C GLU B 167 -24.60 -19.02 -15.09
N ALA B 168 -25.05 -18.02 -14.34
CA ALA B 168 -26.12 -18.19 -13.37
C ALA B 168 -27.45 -17.74 -13.96
N GLY B 169 -28.46 -18.59 -13.84
CA GLY B 169 -29.85 -18.22 -14.16
C GLY B 169 -30.22 -18.07 -15.64
N THR B 170 -29.38 -18.58 -16.55
CA THR B 170 -29.63 -18.55 -18.02
C THR B 170 -30.10 -19.89 -18.65
N GLY B 171 -29.93 -21.01 -17.94
CA GLY B 171 -30.23 -22.34 -18.51
C GLY B 171 -29.30 -22.71 -19.65
N ASN B 172 -28.20 -21.97 -19.79
CA ASN B 172 -27.22 -22.22 -20.85
C ASN B 172 -25.99 -22.77 -20.19
N ILE B 173 -25.66 -24.01 -20.55
CA ILE B 173 -24.60 -24.82 -19.94
C ILE B 173 -23.17 -24.39 -20.37
N ILE B 174 -23.07 -23.48 -21.33
CA ILE B 174 -21.80 -23.22 -22.05
C ILE B 174 -20.63 -22.83 -21.15
N GLU B 175 -20.89 -21.95 -20.21
CA GLU B 175 -19.81 -21.45 -19.36
C GLU B 175 -19.46 -22.46 -18.26
N ALA B 176 -20.41 -23.31 -17.86
CA ALA B 176 -20.10 -24.43 -16.96
C ALA B 176 -19.14 -25.40 -17.63
N VAL B 177 -19.35 -25.67 -18.91
CA VAL B 177 -18.46 -26.59 -19.66
C VAL B 177 -17.06 -25.98 -19.75
N ARG B 178 -17.00 -24.71 -20.11
CA ARG B 178 -15.71 -24.01 -20.21
C ARG B 178 -14.97 -24.09 -18.90
N HIS B 179 -15.68 -23.81 -17.82
CA HIS B 179 -15.01 -23.73 -16.51
C HIS B 179 -14.62 -25.10 -15.96
N VAL B 180 -15.48 -26.09 -16.16
CA VAL B 180 -15.12 -27.46 -15.79
C VAL B 180 -13.91 -27.93 -16.62
N ARG B 181 -13.88 -27.65 -17.92
CA ARG B 181 -12.74 -28.09 -18.76
C ARG B 181 -11.46 -27.40 -18.37
N SER B 182 -11.53 -26.11 -18.01
CA SER B 182 -10.37 -25.33 -17.57
C SER B 182 -9.75 -25.89 -16.28
N VAL B 183 -10.54 -25.97 -15.21
CA VAL B 183 -10.08 -26.55 -13.94
C VAL B 183 -9.48 -27.94 -14.18
N ASN B 184 -10.25 -28.85 -14.78
CA ASN B 184 -9.80 -30.24 -15.00
C ASN B 184 -8.60 -30.33 -15.92
N GLY B 185 -8.63 -29.50 -16.95
CA GLY B 185 -7.51 -29.40 -17.86
C GLY B 185 -6.22 -29.02 -17.18
N ASP B 186 -6.30 -28.04 -16.30
CA ASP B 186 -5.13 -27.58 -15.55
C ASP B 186 -4.66 -28.58 -14.55
N ILE B 187 -5.60 -29.33 -13.96
CA ILE B 187 -5.21 -30.44 -13.11
C ILE B 187 -4.40 -31.51 -13.91
N ARG B 188 -4.88 -31.87 -15.11
CA ARG B 188 -4.15 -32.85 -15.92
C ARG B 188 -2.79 -32.32 -16.37
N VAL B 189 -2.72 -31.03 -16.70
CA VAL B 189 -1.42 -30.38 -16.99
C VAL B 189 -0.39 -30.61 -15.87
N LEU B 190 -0.82 -30.54 -14.61
CA LEU B 190 0.09 -30.66 -13.48
C LEU B 190 0.74 -32.02 -13.32
N ARG B 191 0.02 -33.06 -13.74
N ARG B 191 0.04 -33.06 -13.76
CA ARG B 191 0.40 -34.45 -13.57
CA ARG B 191 0.43 -34.44 -13.51
C ARG B 191 1.80 -34.82 -14.08
C ARG B 191 1.81 -34.84 -14.09
N ASN B 192 2.06 -34.50 -15.35
CA ASN B 192 3.36 -34.80 -15.98
C ASN B 192 4.31 -33.60 -15.96
N MET B 193 3.90 -32.51 -15.33
CA MET B 193 4.71 -31.31 -15.30
C MET B 193 6.04 -31.55 -14.55
N ASP B 194 7.15 -31.10 -15.15
CA ASP B 194 8.44 -31.05 -14.46
C ASP B 194 8.27 -30.37 -13.10
N ASP B 195 8.73 -31.06 -12.04
CA ASP B 195 8.59 -30.51 -10.68
C ASP B 195 9.16 -29.10 -10.54
N ASP B 196 10.27 -28.85 -11.24
CA ASP B 196 10.96 -27.58 -11.19
C ASP B 196 10.14 -26.41 -11.80
N GLU B 197 9.23 -26.72 -12.72
CA GLU B 197 8.39 -25.69 -13.32
C GLU B 197 7.17 -25.36 -12.45
N VAL B 198 6.94 -26.12 -11.38
CA VAL B 198 5.70 -25.93 -10.61
C VAL B 198 5.65 -24.60 -9.83
N PHE B 199 6.80 -24.07 -9.41
CA PHE B 199 6.87 -22.83 -8.66
C PHE B 199 6.26 -21.73 -9.52
N THR B 200 6.76 -21.65 -10.76
CA THR B 200 6.27 -20.67 -11.72
C THR B 200 4.80 -20.87 -12.07
N PHE B 201 4.36 -22.10 -12.23
CA PHE B 201 2.95 -22.38 -12.48
C PHE B 201 2.08 -21.86 -11.35
N ALA B 202 2.53 -22.07 -10.12
CA ALA B 202 1.88 -21.55 -8.93
C ALA B 202 1.78 -20.03 -8.93
N LYS B 203 2.86 -19.36 -9.34
CA LYS B 203 2.82 -17.91 -9.47
C LYS B 203 1.76 -17.48 -10.51
N LYS B 204 1.77 -18.14 -11.65
CA LYS B 204 0.92 -17.77 -12.76
C LYS B 204 -0.57 -18.01 -12.41
N LEU B 205 -0.85 -19.06 -11.64
CA LEU B 205 -2.21 -19.27 -11.13
C LEU B 205 -2.63 -18.35 -9.97
N ALA B 206 -1.67 -17.62 -9.40
CA ALA B 206 -1.86 -16.84 -8.19
C ALA B 206 -2.46 -17.72 -7.08
N ALA B 207 -1.84 -18.88 -6.90
CA ALA B 207 -2.27 -19.88 -5.95
C ALA B 207 -1.16 -20.32 -5.06
N PRO B 208 -1.51 -20.84 -3.88
CA PRO B 208 -0.49 -21.35 -2.96
C PRO B 208 0.20 -22.59 -3.50
N TYR B 209 1.53 -22.57 -3.45
CA TYR B 209 2.36 -23.63 -3.96
C TYR B 209 1.98 -24.98 -3.39
N ASP B 210 1.80 -25.06 -2.05
CA ASP B 210 1.50 -26.35 -1.38
C ASP B 210 0.22 -27.03 -1.90
N LEU B 211 -0.82 -26.23 -2.15
CA LEU B 211 -2.07 -26.74 -2.73
C LEU B 211 -1.91 -27.11 -4.21
N VAL B 212 -1.00 -26.42 -4.89
CA VAL B 212 -0.68 -26.78 -6.28
C VAL B 212 -0.04 -28.18 -6.26
N MET B 213 0.95 -28.39 -5.41
CA MET B 213 1.57 -29.73 -5.30
C MET B 213 0.61 -30.79 -4.79
N GLN B 214 -0.22 -30.46 -3.81
CA GLN B 214 -1.23 -31.42 -3.34
C GLN B 214 -2.16 -31.86 -4.48
N THR B 215 -2.45 -30.93 -5.41
CA THR B 215 -3.35 -31.19 -6.54
C THR B 215 -2.65 -32.10 -7.56
N LYS B 216 -1.36 -31.85 -7.75
CA LYS B 216 -0.48 -32.69 -8.54
C LYS B 216 -0.37 -34.11 -8.00
N GLN B 217 -0.12 -34.24 -6.71
CA GLN B 217 -0.01 -35.55 -6.02
C GLN B 217 -1.32 -36.34 -6.10
N LEU B 218 -2.44 -35.67 -5.89
CA LEU B 218 -3.75 -36.35 -5.97
C LEU B 218 -4.23 -36.67 -7.39
N GLY B 219 -3.78 -35.89 -8.37
CA GLY B 219 -4.36 -35.91 -9.72
C GLY B 219 -5.82 -35.52 -9.77
N ARG B 220 -6.28 -34.79 -8.76
CA ARG B 220 -7.65 -34.25 -8.72
C ARG B 220 -7.70 -33.06 -7.76
N LEU B 221 -8.84 -32.40 -7.70
CA LEU B 221 -8.99 -31.25 -6.79
C LEU B 221 -8.91 -31.78 -5.35
N PRO B 222 -8.22 -31.07 -4.44
CA PRO B 222 -8.16 -31.58 -3.04
C PRO B 222 -9.47 -31.64 -2.26
N VAL B 223 -10.58 -31.18 -2.83
CA VAL B 223 -11.85 -31.21 -2.17
C VAL B 223 -12.87 -31.60 -3.23
N VAL B 224 -14.07 -31.95 -2.78
CA VAL B 224 -15.17 -32.26 -3.67
C VAL B 224 -15.45 -31.10 -4.65
N GLN B 225 -15.59 -31.45 -5.93
CA GLN B 225 -15.86 -30.50 -7.00
C GLN B 225 -17.22 -30.78 -7.64
N PHE B 226 -18.15 -29.84 -7.56
CA PHE B 226 -19.44 -29.94 -8.24
C PHE B 226 -19.53 -28.95 -9.39
N ALA B 227 -20.41 -29.20 -10.36
CA ALA B 227 -20.70 -28.25 -11.41
C ALA B 227 -21.95 -27.47 -11.07
N ALA B 228 -21.99 -26.21 -11.49
CA ALA B 228 -23.14 -25.34 -11.33
C ALA B 228 -23.22 -24.35 -12.48
N GLY B 229 -24.43 -24.03 -12.89
CA GLY B 229 -24.62 -22.96 -13.86
C GLY B 229 -25.20 -23.37 -15.20
N GLY B 230 -26.54 -23.32 -15.27
CA GLY B 230 -27.25 -23.53 -16.54
C GLY B 230 -27.66 -24.98 -16.77
N VAL B 231 -27.55 -25.80 -15.72
CA VAL B 231 -27.97 -27.19 -15.81
C VAL B 231 -29.48 -27.22 -15.90
N ALA B 232 -30.00 -27.51 -17.09
CA ALA B 232 -31.44 -27.37 -17.40
C ALA B 232 -32.15 -28.70 -17.67
N THR B 233 -31.40 -29.68 -18.16
CA THR B 233 -31.92 -30.96 -18.59
C THR B 233 -31.15 -32.10 -17.94
N PRO B 234 -31.74 -33.31 -17.97
CA PRO B 234 -30.99 -34.47 -17.56
C PRO B 234 -29.68 -34.66 -18.33
N ALA B 235 -29.72 -34.40 -19.64
CA ALA B 235 -28.52 -34.52 -20.48
C ALA B 235 -27.41 -33.59 -19.96
N ASP B 236 -27.74 -32.34 -19.69
CA ASP B 236 -26.80 -31.41 -19.07
C ASP B 236 -26.16 -32.00 -17.81
N ALA B 237 -26.97 -32.61 -16.94
CA ALA B 237 -26.46 -33.06 -15.64
C ALA B 237 -25.46 -34.17 -15.79
N ALA B 238 -25.81 -35.13 -16.65
CA ALA B 238 -24.96 -36.26 -16.98
C ALA B 238 -23.68 -35.83 -17.71
N LEU B 239 -23.79 -34.78 -18.50
CA LEU B 239 -22.64 -34.21 -19.17
C LEU B 239 -21.63 -33.73 -18.14
N MET B 240 -22.11 -33.04 -17.09
CA MET B 240 -21.19 -32.53 -16.07
C MET B 240 -20.48 -33.68 -15.35
N MET B 241 -21.23 -34.75 -15.09
CA MET B 241 -20.65 -35.94 -14.50
C MET B 241 -19.65 -36.58 -15.43
N GLN B 242 -19.98 -36.67 -16.73
CA GLN B 242 -19.06 -37.32 -17.67
C GLN B 242 -17.75 -36.55 -17.81
N LEU B 243 -17.81 -35.23 -17.69
CA LEU B 243 -16.60 -34.39 -17.66
C LEU B 243 -15.73 -34.51 -16.40
N GLY B 244 -16.12 -35.31 -15.41
CA GLY B 244 -15.35 -35.49 -14.19
C GLY B 244 -15.88 -34.82 -12.91
N CYS B 245 -17.04 -34.19 -12.95
CA CYS B 245 -17.58 -33.59 -11.73
C CYS B 245 -18.05 -34.66 -10.73
N ASP B 246 -18.09 -34.30 -9.45
CA ASP B 246 -18.52 -35.21 -8.38
C ASP B 246 -20.03 -35.11 -8.12
N GLY B 247 -20.70 -34.14 -8.72
CA GLY B 247 -22.15 -33.91 -8.50
C GLY B 247 -22.53 -32.58 -9.13
N VAL B 248 -23.79 -32.17 -8.97
CA VAL B 248 -24.21 -30.90 -9.56
C VAL B 248 -25.15 -30.09 -8.65
N PHE B 249 -25.10 -28.78 -8.84
CA PHE B 249 -26.08 -27.87 -8.31
C PHE B 249 -27.07 -27.52 -9.40
N VAL B 250 -28.32 -27.38 -9.02
CA VAL B 250 -29.36 -26.90 -9.91
C VAL B 250 -30.13 -25.83 -9.15
N GLY B 251 -30.17 -24.61 -9.68
CA GLY B 251 -31.02 -23.55 -9.13
C GLY B 251 -32.31 -23.42 -9.90
N SER B 252 -32.15 -22.75 -11.04
CA SER B 252 -33.26 -22.31 -11.87
C SER B 252 -33.88 -23.46 -12.66
N GLY B 253 -33.05 -24.35 -13.19
CA GLY B 253 -33.52 -25.46 -14.06
C GLY B 253 -34.77 -26.25 -13.63
N ILE B 254 -34.91 -26.48 -12.32
CA ILE B 254 -36.05 -27.22 -11.73
C ILE B 254 -37.24 -26.31 -11.47
N PHE B 255 -37.05 -25.30 -10.64
CA PHE B 255 -38.18 -24.45 -10.23
C PHE B 255 -38.60 -23.34 -11.23
N LYS B 256 -37.82 -23.10 -12.29
CA LYS B 256 -38.30 -22.27 -13.42
C LYS B 256 -38.80 -23.10 -14.63
N SER B 257 -39.26 -24.34 -14.38
CA SER B 257 -39.72 -25.26 -15.45
C SER B 257 -41.18 -25.70 -15.26
N GLY B 258 -41.71 -26.38 -16.28
CA GLY B 258 -43.10 -26.83 -16.31
C GLY B 258 -43.50 -27.84 -15.25
N ASP B 259 -42.66 -28.86 -15.04
CA ASP B 259 -42.91 -29.85 -13.97
C ASP B 259 -41.68 -29.98 -13.08
N PRO B 260 -41.59 -29.11 -12.03
CA PRO B 260 -40.44 -29.11 -11.12
C PRO B 260 -40.14 -30.49 -10.49
N ALA B 261 -41.19 -31.18 -10.04
CA ALA B 261 -41.06 -32.42 -9.26
C ALA B 261 -40.58 -33.58 -10.11
N ARG B 262 -41.18 -33.77 -11.29
CA ARG B 262 -40.72 -34.81 -12.22
C ARG B 262 -39.33 -34.44 -12.76
N ARG B 263 -39.10 -33.16 -13.06
CA ARG B 263 -37.79 -32.75 -13.59
C ARG B 263 -36.69 -32.91 -12.56
N ALA B 264 -37.02 -32.73 -11.28
CA ALA B 264 -36.06 -32.90 -10.21
C ALA B 264 -35.59 -34.36 -10.11
N ARG B 265 -36.54 -35.27 -10.16
CA ARG B 265 -36.25 -36.70 -10.09
C ARG B 265 -35.40 -37.16 -11.28
N ALA B 266 -35.74 -36.69 -12.46
CA ALA B 266 -35.03 -37.04 -13.69
C ALA B 266 -33.56 -36.64 -13.62
N ILE B 267 -33.33 -35.39 -13.22
CA ILE B 267 -31.97 -34.88 -13.01
C ILE B 267 -31.21 -35.70 -11.99
N VAL B 268 -31.86 -36.04 -10.88
CA VAL B 268 -31.23 -36.92 -9.87
C VAL B 268 -30.86 -38.28 -10.48
N GLN B 269 -31.77 -38.88 -11.21
CA GLN B 269 -31.51 -40.15 -11.92
C GLN B 269 -30.37 -40.06 -12.97
N ALA B 270 -30.32 -38.93 -13.68
CA ALA B 270 -29.27 -38.71 -14.66
C ALA B 270 -27.89 -38.60 -14.02
N VAL B 271 -27.82 -37.96 -12.84
CA VAL B 271 -26.56 -37.90 -12.14
C VAL B 271 -26.15 -39.28 -11.63
N THR B 272 -27.10 -40.04 -11.06
CA THR B 272 -26.80 -41.37 -10.55
C THR B 272 -26.44 -42.35 -11.68
N HIS B 273 -27.13 -42.27 -12.81
CA HIS B 273 -26.90 -43.21 -13.91
C HIS B 273 -26.29 -42.51 -15.13
N TYR B 274 -25.29 -41.64 -14.89
CA TYR B 274 -24.75 -40.74 -15.93
C TYR B 274 -24.12 -41.42 -17.17
N SER B 275 -23.71 -42.68 -17.04
CA SER B 275 -23.10 -43.42 -18.15
C SER B 275 -24.05 -44.48 -18.75
N ASP B 276 -25.36 -44.30 -18.57
CA ASP B 276 -26.38 -45.22 -19.06
C ASP B 276 -27.34 -44.44 -19.97
N PRO B 277 -27.04 -44.42 -21.29
CA PRO B 277 -27.89 -43.69 -22.24
C PRO B 277 -29.39 -44.15 -22.22
N GLU B 278 -29.62 -45.43 -21.95
CA GLU B 278 -30.98 -45.98 -21.96
C GLU B 278 -31.77 -45.33 -20.84
N MET B 279 -31.16 -45.24 -19.67
CA MET B 279 -31.77 -44.58 -18.53
C MET B 279 -31.95 -43.09 -18.84
N LEU B 280 -30.88 -42.49 -19.37
CA LEU B 280 -30.93 -41.07 -19.75
C LEU B 280 -32.06 -40.79 -20.71
N VAL B 281 -32.32 -41.72 -21.65
CA VAL B 281 -33.51 -41.62 -22.53
C VAL B 281 -34.81 -41.73 -21.73
N GLU B 282 -34.91 -42.76 -20.90
CA GLU B 282 -36.12 -43.03 -20.10
C GLU B 282 -36.51 -41.80 -19.26
N VAL B 283 -35.53 -41.21 -18.56
CA VAL B 283 -35.78 -40.08 -17.65
C VAL B 283 -36.07 -38.78 -18.39
N SER B 284 -35.51 -38.61 -19.59
CA SER B 284 -35.79 -37.43 -20.41
C SER B 284 -37.13 -37.45 -21.16
N CYS B 285 -37.74 -38.62 -21.28
CA CYS B 285 -38.91 -38.79 -22.13
C CYS B 285 -40.17 -38.16 -21.52
N GLY B 286 -40.77 -37.24 -22.29
CA GLY B 286 -41.94 -36.47 -21.88
C GLY B 286 -41.82 -35.70 -20.59
N LEU B 287 -40.87 -34.75 -20.53
CA LEU B 287 -40.51 -34.03 -19.27
C LEU B 287 -41.23 -32.70 -19.01
N GLY B 288 -41.89 -32.16 -20.03
CA GLY B 288 -42.58 -30.87 -19.94
C GLY B 288 -41.65 -29.76 -20.35
N GLU B 289 -42.12 -28.52 -20.26
CA GLU B 289 -41.30 -27.38 -20.64
C GLU B 289 -40.06 -27.29 -19.74
N ALA B 290 -38.88 -27.33 -20.35
CA ALA B 290 -37.62 -26.94 -19.69
C ALA B 290 -37.62 -25.44 -19.48
N MET B 291 -36.75 -24.95 -18.58
CA MET B 291 -36.59 -23.49 -18.44
C MET B 291 -36.09 -22.98 -19.80
N VAL B 292 -36.75 -21.94 -20.31
CA VAL B 292 -36.38 -21.37 -21.60
C VAL B 292 -35.03 -20.65 -21.46
N GLY B 293 -34.93 -19.77 -20.47
CA GLY B 293 -33.69 -19.07 -20.20
C GLY B 293 -33.34 -18.08 -21.30
N ILE B 294 -32.05 -17.72 -21.37
CA ILE B 294 -31.56 -16.65 -22.28
C ILE B 294 -30.20 -17.03 -22.90
N ASN B 295 -30.02 -16.68 -24.17
CA ASN B 295 -28.72 -16.76 -24.83
C ASN B 295 -28.04 -15.38 -24.86
N LEU B 296 -26.97 -15.22 -24.08
CA LEU B 296 -26.23 -13.95 -23.98
C LEU B 296 -25.19 -13.65 -25.09
N ASN B 297 -24.82 -14.68 -25.87
CA ASN B 297 -23.85 -14.56 -26.99
C ASN B 297 -24.52 -14.76 -28.35
N SER C 21 14.76 -29.82 10.07
CA SER C 21 14.68 -30.03 8.59
C SER C 21 15.94 -29.56 7.83
N PRO C 22 16.24 -30.21 6.68
CA PRO C 22 17.36 -29.74 5.89
C PRO C 22 17.33 -28.25 5.55
N PHE C 23 16.14 -27.67 5.29
CA PHE C 23 16.05 -26.25 4.93
C PHE C 23 16.40 -25.31 6.10
N SER C 24 15.90 -25.60 7.29
CA SER C 24 16.25 -24.81 8.48
C SER C 24 17.77 -24.80 8.80
N VAL C 25 18.46 -25.91 8.49
CA VAL C 25 19.90 -26.05 8.71
C VAL C 25 20.65 -25.14 7.76
N LYS C 26 20.21 -25.10 6.51
CA LYS C 26 20.76 -24.14 5.54
C LYS C 26 20.53 -22.70 5.99
N VAL C 27 19.34 -22.42 6.48
CA VAL C 27 19.03 -21.07 6.95
C VAL C 27 19.90 -20.66 8.14
N GLY C 28 20.19 -21.60 9.05
CA GLY C 28 21.12 -21.38 10.17
C GLY C 28 22.54 -21.10 9.73
N LEU C 29 23.03 -21.79 8.69
CA LEU C 29 24.36 -21.54 8.19
C LEU C 29 24.52 -20.10 7.71
N ALA C 30 23.53 -19.61 6.97
CA ALA C 30 23.57 -18.24 6.43
C ALA C 30 23.42 -17.20 7.54
N GLN C 31 22.66 -17.52 8.59
CA GLN C 31 22.52 -16.66 9.78
C GLN C 31 23.85 -16.30 10.44
N MET C 32 24.83 -17.21 10.35
CA MET C 32 26.19 -16.96 10.87
C MET C 32 26.94 -15.82 10.17
N LEU C 33 26.39 -15.30 9.08
CA LEU C 33 27.02 -14.21 8.34
C LEU C 33 26.54 -12.82 8.77
N ARG C 34 25.49 -12.74 9.59
CA ARG C 34 25.00 -11.46 10.11
C ARG C 34 26.16 -10.58 10.53
N GLY C 35 26.03 -9.28 10.33
CA GLY C 35 27.07 -8.33 10.67
C GLY C 35 28.24 -8.31 9.70
N GLY C 36 28.15 -9.04 8.59
CA GLY C 36 29.28 -9.20 7.68
C GLY C 36 29.14 -8.53 6.33
N VAL C 37 30.28 -8.49 5.63
CA VAL C 37 30.41 -7.99 4.28
C VAL C 37 30.93 -9.11 3.38
N ILE C 38 30.21 -9.37 2.30
CA ILE C 38 30.62 -10.36 1.33
C ILE C 38 31.17 -9.61 0.12
N MET C 39 32.39 -9.94 -0.29
CA MET C 39 33.10 -9.19 -1.34
C MET C 39 33.28 -10.03 -2.56
N ASP C 40 33.00 -9.43 -3.72
CA ASP C 40 33.21 -10.10 -5.00
C ASP C 40 34.71 -10.10 -5.29
N VAL C 41 35.20 -11.27 -5.69
CA VAL C 41 36.61 -11.47 -6.07
C VAL C 41 36.67 -12.26 -7.39
N VAL C 42 37.59 -11.88 -8.27
CA VAL C 42 37.74 -12.59 -9.57
C VAL C 42 38.97 -13.49 -9.65
N ASN C 43 39.96 -13.25 -8.78
CA ASN C 43 41.15 -14.06 -8.69
C ASN C 43 41.53 -14.31 -7.23
N ALA C 44 42.61 -15.04 -7.02
CA ALA C 44 43.07 -15.40 -5.68
C ALA C 44 43.72 -14.24 -4.93
N GLU C 45 44.29 -13.27 -5.65
CA GLU C 45 44.92 -12.10 -4.99
C GLU C 45 43.83 -11.33 -4.22
N GLN C 46 42.78 -10.93 -4.95
CA GLN C 46 41.61 -10.23 -4.39
C GLN C 46 41.01 -11.00 -3.20
N ALA C 47 40.86 -12.32 -3.33
CA ALA C 47 40.33 -13.16 -2.24
C ALA C 47 41.12 -13.03 -0.95
N ARG C 48 42.44 -12.93 -1.06
CA ARG C 48 43.30 -12.70 0.12
C ARG C 48 43.07 -11.30 0.73
N ILE C 49 42.97 -10.28 -0.14
CA ILE C 49 42.68 -8.91 0.28
C ILE C 49 41.38 -8.87 1.08
N ALA C 50 40.33 -9.46 0.51
CA ALA C 50 39.03 -9.55 1.18
C ALA C 50 39.08 -10.21 2.56
N GLU C 51 39.85 -11.28 2.69
CA GLU C 51 39.96 -11.95 3.97
C GLU C 51 40.73 -11.12 4.98
N GLU C 52 41.81 -10.47 4.54
CA GLU C 52 42.63 -9.60 5.40
C GLU C 52 41.80 -8.41 5.92
N ALA C 53 41.06 -7.78 5.01
CA ALA C 53 40.18 -6.66 5.38
C ALA C 53 39.05 -7.03 6.35
N GLY C 54 38.70 -8.32 6.45
CA GLY C 54 37.68 -8.80 7.40
C GLY C 54 36.33 -9.22 6.81
N ALA C 55 36.27 -9.55 5.52
CA ALA C 55 35.05 -10.05 4.90
C ALA C 55 34.53 -11.30 5.62
N CYS C 56 33.21 -11.46 5.75
CA CYS C 56 32.66 -12.74 6.25
C CYS C 56 32.75 -13.88 5.23
N ALA C 57 32.90 -13.53 3.96
CA ALA C 57 33.02 -14.50 2.89
C ALA C 57 33.43 -13.81 1.61
N VAL C 58 33.83 -14.62 0.63
CA VAL C 58 34.16 -14.13 -0.70
C VAL C 58 33.19 -14.75 -1.69
N MET C 59 32.97 -14.03 -2.79
CA MET C 59 32.08 -14.42 -3.87
C MET C 59 32.90 -14.47 -5.15
N ALA C 60 33.22 -15.69 -5.59
CA ALA C 60 33.99 -15.93 -6.81
C ALA C 60 33.18 -15.67 -8.08
N LEU C 61 33.69 -14.82 -8.95
CA LEU C 61 33.04 -14.64 -10.26
C LEU C 61 34.07 -14.25 -11.32
N GLU C 62 33.64 -14.28 -12.59
CA GLU C 62 34.52 -14.05 -13.75
C GLU C 62 35.00 -12.60 -13.80
N ARG C 63 34.03 -11.69 -13.73
CA ARG C 63 34.25 -10.27 -13.84
C ARG C 63 33.32 -9.56 -12.85
N VAL C 64 33.81 -8.48 -12.22
CA VAL C 64 32.97 -7.69 -11.30
C VAL C 64 31.80 -7.06 -12.09
N PRO C 65 30.61 -6.85 -11.46
CA PRO C 65 29.43 -6.31 -12.17
C PRO C 65 29.65 -5.08 -13.08
N ALA C 66 30.48 -4.12 -12.65
CA ALA C 66 30.77 -2.91 -13.48
C ALA C 66 31.46 -3.24 -14.80
N ASP C 67 32.31 -4.27 -14.79
CA ASP C 67 32.99 -4.76 -16.01
C ASP C 67 32.03 -5.53 -16.92
N ILE C 68 31.14 -6.33 -16.34
CA ILE C 68 30.06 -7.00 -17.10
C ILE C 68 29.17 -5.95 -17.81
N ARG C 69 28.82 -4.88 -17.08
CA ARG C 69 28.10 -3.72 -17.65
C ARG C 69 28.86 -3.04 -18.82
N ALA C 70 30.11 -2.66 -18.58
CA ALA C 70 30.93 -1.97 -19.59
C ALA C 70 31.19 -2.86 -20.84
N GLN C 71 31.71 -4.06 -20.61
CA GLN C 71 32.19 -4.92 -21.69
C GLN C 71 31.09 -5.69 -22.43
N GLY C 72 30.01 -6.03 -21.72
CA GLY C 72 28.96 -6.89 -22.30
C GLY C 72 29.42 -8.34 -22.45
N GLY C 73 28.86 -9.03 -23.45
CA GLY C 73 29.12 -10.46 -23.67
C GLY C 73 28.40 -11.36 -22.66
N VAL C 74 28.29 -12.65 -22.96
CA VAL C 74 27.61 -13.58 -22.08
C VAL C 74 28.49 -13.83 -20.87
N ALA C 75 27.89 -13.78 -19.69
CA ALA C 75 28.60 -13.97 -18.43
C ALA C 75 28.12 -15.22 -17.74
N ARG C 76 29.01 -16.18 -17.54
CA ARG C 76 28.68 -17.49 -17.01
C ARG C 76 29.37 -17.75 -15.67
N MET C 77 29.08 -18.91 -15.08
CA MET C 77 29.85 -19.48 -13.97
C MET C 77 31.34 -19.35 -14.31
N SER C 78 32.15 -18.99 -13.32
CA SER C 78 33.61 -19.00 -13.46
C SER C 78 34.16 -20.40 -13.63
N ASP C 79 35.28 -20.47 -14.34
CA ASP C 79 36.07 -21.70 -14.56
C ASP C 79 36.31 -22.37 -13.21
N PRO C 80 35.95 -23.64 -13.08
CA PRO C 80 36.20 -24.31 -11.79
C PRO C 80 37.66 -24.26 -11.28
N GLN C 81 38.64 -24.13 -12.21
CA GLN C 81 40.03 -23.95 -11.80
C GLN C 81 40.19 -22.68 -10.95
N MET C 82 39.62 -21.57 -11.45
CA MET C 82 39.64 -20.30 -10.71
C MET C 82 39.00 -20.40 -9.32
N ILE C 83 37.91 -21.13 -9.24
CA ILE C 83 37.20 -21.26 -7.99
C ILE C 83 38.05 -22.02 -6.94
N LYS C 84 38.68 -23.12 -7.35
CA LYS C 84 39.56 -23.88 -6.47
C LYS C 84 40.73 -23.04 -5.99
N GLU C 85 41.32 -22.25 -6.88
CA GLU C 85 42.42 -21.36 -6.49
C GLU C 85 41.97 -20.45 -5.35
N ILE C 86 40.75 -19.92 -5.46
CA ILE C 86 40.18 -19.04 -4.45
C ILE C 86 39.84 -19.82 -3.19
N LYS C 87 39.30 -21.03 -3.36
CA LYS C 87 38.90 -21.84 -2.21
C LYS C 87 40.08 -22.21 -1.28
N GLN C 88 41.23 -22.49 -1.87
CA GLN C 88 42.43 -22.86 -1.10
C GLN C 88 43.23 -21.64 -0.66
N ALA C 89 42.99 -20.49 -1.28
CA ALA C 89 43.61 -19.21 -0.91
C ALA C 89 43.05 -18.51 0.36
N VAL C 90 41.96 -19.01 0.95
CA VAL C 90 41.29 -18.38 2.11
C VAL C 90 40.66 -19.41 3.05
N THR C 91 40.37 -18.98 4.26
CA THR C 91 39.76 -19.84 5.29
C THR C 91 38.30 -19.45 5.63
N ILE C 92 37.89 -18.27 5.17
CA ILE C 92 36.47 -17.84 5.30
C ILE C 92 35.60 -18.54 4.25
N PRO C 93 34.27 -18.61 4.45
CA PRO C 93 33.37 -19.23 3.48
C PRO C 93 33.58 -18.73 2.05
N VAL C 94 33.42 -19.63 1.08
CA VAL C 94 33.54 -19.27 -0.33
C VAL C 94 32.21 -19.45 -1.05
N MET C 95 31.78 -18.40 -1.75
CA MET C 95 30.54 -18.40 -2.50
C MET C 95 30.90 -18.28 -3.96
N ALA C 96 30.07 -18.82 -4.85
CA ALA C 96 30.25 -18.60 -6.28
C ALA C 96 28.89 -18.44 -6.94
N LYS C 97 28.90 -17.86 -8.14
CA LYS C 97 27.68 -17.48 -8.82
C LYS C 97 27.38 -18.40 -10.00
N ALA C 98 26.09 -18.70 -10.16
CA ALA C 98 25.58 -19.45 -11.29
C ALA C 98 24.49 -18.63 -11.98
N ARG C 99 24.30 -18.88 -13.27
CA ARG C 99 23.29 -18.15 -14.02
C ARG C 99 21.92 -18.61 -13.55
N ILE C 100 20.97 -17.68 -13.46
CA ILE C 100 19.57 -18.04 -13.13
C ILE C 100 19.05 -19.15 -14.04
N GLY C 101 18.55 -20.20 -13.39
CA GLY C 101 18.09 -21.38 -14.10
C GLY C 101 19.12 -22.41 -14.49
N HIS C 102 20.42 -22.13 -14.25
CA HIS C 102 21.46 -23.01 -14.75
C HIS C 102 21.79 -24.02 -13.68
N PHE C 103 20.89 -24.98 -13.53
CA PHE C 103 21.02 -25.93 -12.45
C PHE C 103 22.22 -26.84 -12.64
N VAL C 104 22.71 -27.01 -13.86
CA VAL C 104 23.96 -27.78 -14.05
C VAL C 104 25.19 -27.00 -13.60
N GLU C 105 25.18 -25.68 -13.76
CA GLU C 105 26.28 -24.88 -13.24
C GLU C 105 26.29 -25.01 -11.73
N ALA C 106 25.10 -25.07 -11.12
CA ALA C 106 25.02 -25.19 -9.67
C ALA C 106 25.52 -26.56 -9.20
N GLN C 107 25.17 -27.60 -9.94
CA GLN C 107 25.72 -28.96 -9.72
C GLN C 107 27.24 -28.98 -9.68
N ILE C 108 27.84 -28.35 -10.67
CA ILE C 108 29.30 -28.26 -10.77
C ILE C 108 29.89 -27.52 -9.56
N LEU C 109 29.30 -26.37 -9.21
CA LEU C 109 29.78 -25.58 -8.06
C LEU C 109 29.71 -26.38 -6.76
N GLU C 110 28.62 -27.08 -6.55
CA GLU C 110 28.48 -27.88 -5.37
C GLU C 110 29.54 -29.00 -5.36
N ALA C 111 29.77 -29.61 -6.53
CA ALA C 111 30.77 -30.66 -6.66
C ALA C 111 32.21 -30.20 -6.35
N ILE C 112 32.52 -28.92 -6.55
CA ILE C 112 33.84 -28.35 -6.21
C ILE C 112 34.03 -28.23 -4.69
N GLY C 113 32.95 -28.26 -3.94
CA GLY C 113 33.02 -28.20 -2.49
C GLY C 113 32.97 -26.82 -1.86
N ILE C 114 32.62 -25.76 -2.61
CA ILE C 114 32.39 -24.42 -2.01
C ILE C 114 31.21 -24.38 -1.01
N ASP C 115 30.91 -23.21 -0.46
CA ASP C 115 30.00 -23.10 0.68
C ASP C 115 28.61 -22.58 0.31
N TYR C 116 28.50 -21.68 -0.66
CA TYR C 116 27.21 -21.17 -1.10
C TYR C 116 27.23 -20.95 -2.62
N ILE C 117 26.07 -21.14 -3.24
CA ILE C 117 25.87 -20.71 -4.61
C ILE C 117 24.97 -19.50 -4.56
N ASP C 118 25.34 -18.45 -5.29
CA ASP C 118 24.48 -17.31 -5.54
C ASP C 118 23.96 -17.43 -6.98
N GLU C 119 22.66 -17.65 -7.09
CA GLU C 119 21.95 -17.71 -8.35
C GLU C 119 21.69 -16.25 -8.71
N SER C 120 22.50 -15.72 -9.61
CA SER C 120 22.68 -14.26 -9.72
C SER C 120 22.26 -13.63 -11.04
N GLU C 121 21.46 -12.60 -10.92
CA GLU C 121 21.05 -11.77 -12.04
C GLU C 121 22.20 -10.99 -12.69
N VAL C 122 23.34 -10.85 -12.04
CA VAL C 122 24.47 -10.20 -12.71
C VAL C 122 25.01 -11.04 -13.83
N LEU C 123 24.91 -12.37 -13.70
CA LEU C 123 25.25 -13.27 -14.80
C LEU C 123 24.13 -13.25 -15.82
N THR C 124 24.40 -13.78 -17.00
CA THR C 124 23.42 -13.79 -18.09
C THR C 124 22.37 -14.86 -17.77
N LEU C 125 21.11 -14.45 -17.78
CA LEU C 125 19.98 -15.34 -17.55
C LEU C 125 20.03 -16.55 -18.49
N ALA C 126 19.94 -17.76 -17.93
CA ALA C 126 19.87 -18.98 -18.74
C ALA C 126 18.43 -19.49 -18.93
N ASP C 127 17.57 -19.26 -17.95
CA ASP C 127 16.16 -19.64 -18.06
C ASP C 127 15.26 -18.46 -17.67
N GLU C 128 14.51 -17.92 -18.62
CA GLU C 128 13.68 -16.74 -18.32
C GLU C 128 12.46 -17.03 -17.42
N ASP C 129 11.95 -18.25 -17.43
CA ASP C 129 10.70 -18.57 -16.74
C ASP C 129 10.86 -19.29 -15.40
N HIS C 130 12.00 -19.94 -15.21
CA HIS C 130 12.21 -20.77 -14.04
C HIS C 130 13.56 -20.55 -13.42
N HIS C 131 13.56 -20.47 -12.10
CA HIS C 131 14.77 -20.54 -11.32
C HIS C 131 15.16 -21.99 -11.01
N ILE C 132 16.39 -22.14 -10.53
CA ILE C 132 16.89 -23.44 -10.07
C ILE C 132 16.01 -23.94 -8.94
N ASN C 133 15.69 -25.24 -8.95
CA ASN C 133 15.09 -25.90 -7.78
C ASN C 133 16.17 -26.13 -6.71
N LYS C 134 16.27 -25.18 -5.80
CA LYS C 134 17.39 -25.10 -4.88
C LYS C 134 17.30 -26.11 -3.75
N HIS C 135 16.09 -26.59 -3.48
CA HIS C 135 15.85 -27.73 -2.59
C HIS C 135 16.56 -29.01 -2.95
N ASN C 136 16.91 -29.21 -4.22
CA ASN C 136 17.59 -30.43 -4.64
C ASN C 136 19.07 -30.46 -4.28
N PHE C 137 19.59 -29.35 -3.74
CA PHE C 137 21.00 -29.22 -3.40
C PHE C 137 21.30 -29.36 -1.89
N ARG C 138 22.55 -29.70 -1.59
CA ARG C 138 23.05 -29.80 -0.21
C ARG C 138 23.45 -28.42 0.30
N ILE C 139 24.25 -27.69 -0.48
CA ILE C 139 24.70 -26.35 -0.04
C ILE C 139 23.64 -25.23 -0.21
N PRO C 140 23.69 -24.21 0.67
CA PRO C 140 22.69 -23.15 0.66
C PRO C 140 22.86 -22.23 -0.54
N PHE C 141 21.74 -21.66 -0.97
CA PHE C 141 21.71 -20.69 -2.05
C PHE C 141 21.38 -19.30 -1.56
N VAL C 142 22.02 -18.33 -2.22
CA VAL C 142 21.61 -16.94 -2.22
C VAL C 142 20.83 -16.63 -3.50
N CYS C 143 19.75 -15.85 -3.36
CA CYS C 143 19.03 -15.27 -4.52
C CYS C 143 18.80 -13.79 -4.28
N GLY C 144 18.74 -13.05 -5.39
CA GLY C 144 18.38 -11.65 -5.38
C GLY C 144 16.86 -11.44 -5.27
N CYS C 145 16.46 -10.22 -4.89
CA CYS C 145 15.08 -9.75 -5.02
C CYS C 145 14.98 -8.21 -5.14
N ARG C 146 13.85 -7.74 -5.64
CA ARG C 146 13.51 -6.32 -5.66
C ARG C 146 12.30 -5.97 -4.82
N ASN C 147 11.54 -6.97 -4.37
CA ASN C 147 10.38 -6.77 -3.52
C ASN C 147 10.11 -8.04 -2.67
N LEU C 148 9.17 -7.93 -1.73
CA LEU C 148 8.83 -9.03 -0.82
C LEU C 148 8.32 -10.27 -1.52
N GLY C 149 7.40 -10.07 -2.46
CA GLY C 149 6.85 -11.15 -3.30
C GLY C 149 7.93 -12.05 -3.89
N GLU C 150 8.96 -11.42 -4.40
CA GLU C 150 10.03 -12.07 -5.13
C GLU C 150 10.96 -12.83 -4.19
N ALA C 151 11.32 -12.19 -3.08
CA ALA C 151 12.02 -12.86 -1.98
C ALA C 151 11.35 -14.15 -1.54
N LEU C 152 10.04 -14.08 -1.31
CA LEU C 152 9.34 -15.20 -0.79
C LEU C 152 9.30 -16.32 -1.85
N ARG C 153 9.14 -15.97 -3.12
CA ARG C 153 9.20 -16.98 -4.18
C ARG C 153 10.53 -17.70 -4.22
N ARG C 154 11.62 -16.94 -4.07
CA ARG C 154 12.95 -17.50 -4.06
C ARG C 154 13.15 -18.42 -2.84
N ILE C 155 12.63 -18.02 -1.69
CA ILE C 155 12.74 -18.81 -0.48
C ILE C 155 11.97 -20.10 -0.68
N ARG C 156 10.76 -20.02 -1.24
CA ARG C 156 10.03 -21.26 -1.52
C ARG C 156 10.77 -22.23 -2.48
N GLU C 157 11.49 -21.69 -3.44
CA GLU C 157 12.31 -22.51 -4.34
C GLU C 157 13.53 -23.12 -3.66
N GLY C 158 13.82 -22.64 -2.43
CA GLY C 158 14.88 -23.16 -1.62
C GLY C 158 16.01 -22.22 -1.26
N ALA C 159 15.93 -20.93 -1.61
CA ALA C 159 16.94 -19.96 -1.23
C ALA C 159 17.03 -19.86 0.28
N ALA C 160 18.25 -19.91 0.81
CA ALA C 160 18.46 -19.83 2.27
C ALA C 160 18.94 -18.43 2.71
N MET C 161 19.26 -17.59 1.73
CA MET C 161 19.71 -16.25 2.00
C MET C 161 19.22 -15.34 0.88
N ILE C 162 18.80 -14.14 1.25
CA ILE C 162 18.23 -13.21 0.29
C ILE C 162 19.08 -11.95 0.23
N ARG C 163 19.38 -11.57 -1.00
CA ARG C 163 20.14 -10.39 -1.34
C ARG C 163 19.15 -9.39 -1.99
N THR C 164 18.83 -8.31 -1.26
CA THR C 164 17.95 -7.28 -1.79
C THR C 164 18.76 -6.36 -2.69
N LYS C 165 18.43 -6.37 -3.98
CA LYS C 165 19.33 -5.91 -5.03
C LYS C 165 18.88 -4.56 -5.58
N GLY C 166 19.83 -3.65 -5.75
CA GLY C 166 19.62 -2.43 -6.48
C GLY C 166 20.18 -2.52 -7.88
N GLU C 167 20.85 -1.45 -8.30
CA GLU C 167 21.53 -1.46 -9.59
C GLU C 167 22.85 -2.14 -9.41
N ALA C 168 23.22 -2.93 -10.41
CA ALA C 168 24.50 -3.62 -10.46
C ALA C 168 25.50 -2.79 -11.25
N GLY C 169 26.66 -2.57 -10.67
CA GLY C 169 27.81 -2.03 -11.39
C GLY C 169 27.79 -0.54 -11.72
N THR C 170 27.07 0.25 -10.93
CA THR C 170 26.97 1.71 -11.17
C THR C 170 27.52 2.58 -10.05
N GLY C 171 27.79 1.99 -8.88
CA GLY C 171 28.09 2.77 -7.69
C GLY C 171 26.97 3.68 -7.20
N ASN C 172 25.75 3.48 -7.71
CA ASN C 172 24.65 4.31 -7.30
C ASN C 172 23.72 3.50 -6.47
N ILE C 173 23.54 3.92 -5.24
CA ILE C 173 22.87 3.16 -4.19
C ILE C 173 21.34 3.33 -4.23
N ILE C 174 20.84 4.12 -5.18
CA ILE C 174 19.41 4.51 -5.21
C ILE C 174 18.41 3.37 -5.27
N GLU C 175 18.62 2.39 -6.13
CA GLU C 175 17.66 1.30 -6.27
C GLU C 175 17.70 0.34 -5.09
N ALA C 176 18.90 0.13 -4.56
CA ALA C 176 19.09 -0.66 -3.33
C ALA C 176 18.36 -0.04 -2.15
N VAL C 177 18.37 1.28 -2.04
CA VAL C 177 17.55 1.93 -1.05
C VAL C 177 16.06 1.66 -1.34
N ARG C 178 15.64 1.81 -2.59
CA ARG C 178 14.24 1.59 -3.00
C ARG C 178 13.80 0.19 -2.61
N HIS C 179 14.58 -0.80 -2.99
CA HIS C 179 14.15 -2.17 -2.82
C HIS C 179 14.23 -2.62 -1.39
N VAL C 180 15.21 -2.11 -0.63
CA VAL C 180 15.28 -2.37 0.82
C VAL C 180 14.06 -1.77 1.54
N ARG C 181 13.73 -0.51 1.23
CA ARG C 181 12.51 0.10 1.80
C ARG C 181 11.22 -0.64 1.41
N SER C 182 11.11 -1.05 0.15
CA SER C 182 9.98 -1.87 -0.31
C SER C 182 9.80 -3.14 0.49
N VAL C 183 10.82 -3.97 0.55
CA VAL C 183 10.75 -5.23 1.30
C VAL C 183 10.42 -4.99 2.75
N ASN C 184 11.16 -4.09 3.36
CA ASN C 184 10.96 -3.86 4.79
C ASN C 184 9.61 -3.22 5.06
N GLY C 185 9.17 -2.35 4.17
CA GLY C 185 7.91 -1.72 4.35
C GLY C 185 6.77 -2.68 4.21
N ASP C 186 6.85 -3.60 3.24
CA ASP C 186 5.79 -4.62 3.11
C ASP C 186 5.77 -5.52 4.32
N ILE C 187 6.92 -5.85 4.89
CA ILE C 187 6.94 -6.67 6.10
C ILE C 187 6.22 -5.94 7.23
N ARG C 188 6.50 -4.63 7.40
CA ARG C 188 5.85 -3.87 8.45
C ARG C 188 4.35 -3.73 8.23
N VAL C 189 3.94 -3.56 6.97
CA VAL C 189 2.51 -3.52 6.62
C VAL C 189 1.88 -4.82 7.09
N LEU C 190 2.53 -5.91 6.76
CA LEU C 190 2.03 -7.24 7.03
C LEU C 190 1.80 -7.53 8.52
N ARG C 191 2.59 -6.93 9.40
CA ARG C 191 2.49 -7.19 10.85
C ARG C 191 1.17 -6.86 11.55
N ASN C 192 0.61 -5.69 11.27
CA ASN C 192 -0.70 -5.27 11.81
C ASN C 192 -1.88 -5.63 10.92
N MET C 193 -1.63 -6.22 9.75
CA MET C 193 -2.68 -6.48 8.79
C MET C 193 -3.74 -7.37 9.40
N ASP C 194 -5.00 -7.02 9.22
CA ASP C 194 -6.11 -7.94 9.46
C ASP C 194 -5.81 -9.30 8.87
N ASP C 195 -5.82 -10.34 9.71
CA ASP C 195 -5.54 -11.71 9.24
C ASP C 195 -6.41 -12.08 8.04
N ASP C 196 -7.68 -11.67 8.06
CA ASP C 196 -8.63 -12.00 6.97
C ASP C 196 -8.24 -11.42 5.60
N GLU C 197 -7.49 -10.33 5.64
CA GLU C 197 -6.93 -9.68 4.45
C GLU C 197 -5.60 -10.24 3.95
N VAL C 198 -4.97 -11.17 4.68
CA VAL C 198 -3.67 -11.72 4.24
C VAL C 198 -3.76 -12.60 2.95
N PHE C 199 -4.87 -13.30 2.74
CA PHE C 199 -4.99 -14.18 1.57
C PHE C 199 -4.87 -13.37 0.26
N THR C 200 -5.63 -12.29 0.18
CA THR C 200 -5.55 -11.37 -0.94
C THR C 200 -4.16 -10.73 -1.03
N PHE C 201 -3.55 -10.40 0.11
CA PHE C 201 -2.20 -9.85 0.09
C PHE C 201 -1.20 -10.80 -0.60
N ALA C 202 -1.29 -12.08 -0.24
CA ALA C 202 -0.45 -13.12 -0.82
C ALA C 202 -0.73 -13.31 -2.33
N LYS C 203 -2.00 -13.22 -2.73
CA LYS C 203 -2.34 -13.20 -4.15
C LYS C 203 -1.67 -12.05 -4.91
N LYS C 204 -1.66 -10.86 -4.31
CA LYS C 204 -1.13 -9.66 -4.94
C LYS C 204 0.41 -9.70 -5.02
N LEU C 205 1.04 -10.27 -3.99
CA LEU C 205 2.46 -10.54 -4.02
C LEU C 205 2.85 -11.70 -4.94
N ALA C 206 1.90 -12.54 -5.33
CA ALA C 206 2.17 -13.74 -6.12
C ALA C 206 3.14 -14.60 -5.32
N ALA C 207 2.83 -14.74 -4.04
CA ALA C 207 3.68 -15.33 -3.06
C ALA C 207 2.94 -16.44 -2.30
N PRO C 208 3.68 -17.46 -1.83
CA PRO C 208 2.99 -18.52 -1.08
C PRO C 208 2.49 -18.01 0.26
N TYR C 209 1.19 -18.22 0.50
CA TYR C 209 0.52 -17.83 1.73
C TYR C 209 1.22 -18.22 3.02
N ASP C 210 1.66 -19.46 3.14
CA ASP C 210 2.34 -19.90 4.36
C ASP C 210 3.57 -19.03 4.67
N LEU C 211 4.37 -18.74 3.64
CA LEU C 211 5.54 -17.88 3.80
C LEU C 211 5.20 -16.42 4.17
N VAL C 212 4.08 -15.93 3.65
CA VAL C 212 3.59 -14.59 4.01
C VAL C 212 3.23 -14.59 5.52
N MET C 213 2.44 -15.56 5.96
CA MET C 213 2.10 -15.70 7.40
C MET C 213 3.31 -15.91 8.28
N GLN C 214 4.28 -16.65 7.79
CA GLN C 214 5.51 -16.88 8.53
C GLN C 214 6.21 -15.55 8.72
N THR C 215 6.27 -14.75 7.65
CA THR C 215 6.87 -13.43 7.66
C THR C 215 6.16 -12.50 8.63
N LYS C 216 4.82 -12.58 8.62
CA LYS C 216 3.99 -11.82 9.54
C LYS C 216 4.30 -12.14 11.00
N GLN C 217 4.31 -13.44 11.30
CA GLN C 217 4.53 -13.93 12.68
C GLN C 217 5.94 -13.59 13.17
N LEU C 218 6.95 -13.66 12.32
CA LEU C 218 8.31 -13.25 12.69
C LEU C 218 8.55 -11.73 12.72
N GLY C 219 7.81 -10.98 11.90
CA GLY C 219 8.05 -9.57 11.73
C GLY C 219 9.35 -9.29 11.03
N ARG C 220 9.87 -10.27 10.30
CA ARG C 220 11.08 -10.07 9.48
C ARG C 220 11.10 -11.14 8.40
N LEU C 221 12.06 -11.05 7.48
CA LEU C 221 12.16 -12.05 6.42
C LEU C 221 12.51 -13.41 7.07
N PRO C 222 11.94 -14.52 6.58
CA PRO C 222 12.27 -15.84 7.18
C PRO C 222 13.71 -16.31 7.03
N VAL C 223 14.50 -15.61 6.24
CA VAL C 223 15.91 -15.89 6.09
C VAL C 223 16.66 -14.57 6.16
N VAL C 224 17.97 -14.69 6.22
CA VAL C 224 18.89 -13.54 6.19
C VAL C 224 18.63 -12.67 4.97
N GLN C 225 18.60 -11.35 5.20
CA GLN C 225 18.49 -10.33 4.16
C GLN C 225 19.71 -9.40 4.15
N PHE C 226 20.51 -9.47 3.08
CA PHE C 226 21.64 -8.54 2.85
C PHE C 226 21.29 -7.55 1.73
N ALA C 227 21.85 -6.34 1.77
CA ALA C 227 21.75 -5.40 0.65
C ALA C 227 22.87 -5.61 -0.38
N ALA C 228 22.59 -5.28 -1.64
CA ALA C 228 23.59 -5.36 -2.70
C ALA C 228 23.20 -4.39 -3.78
N GLY C 229 24.20 -3.85 -4.48
CA GLY C 229 23.97 -2.94 -5.60
C GLY C 229 24.31 -1.50 -5.34
N GLY C 230 25.54 -1.10 -5.69
CA GLY C 230 25.96 0.29 -5.63
C GLY C 230 26.59 0.75 -4.32
N VAL C 231 26.92 -0.17 -3.42
CA VAL C 231 27.57 0.20 -2.15
C VAL C 231 29.00 0.61 -2.54
N ALA C 232 29.23 1.91 -2.67
CA ALA C 232 30.52 2.44 -3.09
C ALA C 232 31.39 2.95 -1.92
N THR C 233 30.73 3.42 -0.84
CA THR C 233 31.41 4.03 0.30
C THR C 233 30.96 3.46 1.66
N PRO C 234 31.75 3.75 2.72
CA PRO C 234 31.34 3.29 4.05
C PRO C 234 30.00 3.84 4.48
N ALA C 235 29.69 5.08 4.09
CA ALA C 235 28.39 5.68 4.36
C ALA C 235 27.28 4.83 3.73
N ASP C 236 27.46 4.44 2.47
CA ASP C 236 26.51 3.54 1.78
C ASP C 236 26.22 2.27 2.57
N ALA C 237 27.28 1.57 2.93
CA ALA C 237 27.20 0.32 3.66
C ALA C 237 26.45 0.45 4.99
N ALA C 238 26.81 1.48 5.77
CA ALA C 238 26.13 1.72 7.06
C ALA C 238 24.66 2.11 6.90
N LEU C 239 24.35 2.85 5.83
CA LEU C 239 22.97 3.18 5.47
C LEU C 239 22.17 1.89 5.32
N MET C 240 22.70 0.92 4.59
CA MET C 240 21.97 -0.34 4.40
C MET C 240 21.68 -0.98 5.76
N MET C 241 22.65 -0.94 6.66
CA MET C 241 22.49 -1.53 8.00
C MET C 241 21.45 -0.80 8.84
N GLN C 242 21.46 0.53 8.80
CA GLN C 242 20.46 1.36 9.52
C GLN C 242 19.04 1.25 8.95
N LEU C 243 18.92 0.96 7.67
CA LEU C 243 17.63 0.59 7.09
C LEU C 243 17.18 -0.83 7.51
N GLY C 244 18.08 -1.62 8.09
CA GLY C 244 17.71 -2.89 8.74
C GLY C 244 18.23 -4.16 8.08
N CYS C 245 19.11 -4.07 7.09
CA CYS C 245 19.71 -5.25 6.51
C CYS C 245 20.64 -5.95 7.53
N ASP C 246 20.80 -7.25 7.34
CA ASP C 246 21.69 -8.09 8.16
C ASP C 246 23.19 -8.02 7.74
N GLY C 247 23.53 -7.34 6.66
CA GLY C 247 24.89 -7.42 6.05
C GLY C 247 24.89 -6.82 4.66
N VAL C 248 26.04 -6.70 4.00
CA VAL C 248 26.07 -6.21 2.62
C VAL C 248 27.00 -7.01 1.70
N PHE C 249 26.65 -6.99 0.41
CA PHE C 249 27.52 -7.42 -0.66
C PHE C 249 28.16 -6.19 -1.27
N VAL C 250 29.43 -6.32 -1.65
CA VAL C 250 30.14 -5.28 -2.37
C VAL C 250 30.78 -5.95 -3.58
N GLY C 251 30.42 -5.46 -4.77
CA GLY C 251 30.72 -6.11 -6.04
C GLY C 251 31.81 -5.40 -6.84
N SER C 252 31.56 -4.13 -7.15
CA SER C 252 32.46 -3.25 -7.90
C SER C 252 33.15 -2.18 -7.04
N GLY C 253 32.45 -1.68 -6.03
CA GLY C 253 32.89 -0.53 -5.22
C GLY C 253 34.25 -0.62 -4.55
N ILE C 254 34.74 -1.83 -4.29
CA ILE C 254 36.11 -2.04 -3.79
C ILE C 254 37.09 -2.14 -4.94
N PHE C 255 36.88 -3.11 -5.82
CA PHE C 255 37.89 -3.43 -6.85
C PHE C 255 37.89 -2.57 -8.11
N LYS C 256 36.88 -1.69 -8.26
CA LYS C 256 36.93 -0.58 -9.25
C LYS C 256 37.40 0.78 -8.65
N SER C 257 37.93 0.77 -7.43
CA SER C 257 38.34 1.98 -6.69
C SER C 257 39.87 2.11 -6.55
N GLY C 258 40.30 3.30 -6.11
CA GLY C 258 41.72 3.63 -5.92
C GLY C 258 42.50 2.66 -5.06
N ASP C 259 42.12 2.55 -3.78
CA ASP C 259 42.75 1.61 -2.83
C ASP C 259 41.72 0.58 -2.40
N PRO C 260 41.68 -0.58 -3.12
CA PRO C 260 40.75 -1.63 -2.71
C PRO C 260 40.94 -2.10 -1.24
N ALA C 261 42.19 -2.38 -0.85
CA ALA C 261 42.50 -2.96 0.47
C ALA C 261 41.97 -2.14 1.63
N ARG C 262 42.24 -0.83 1.55
CA ARG C 262 41.90 0.08 2.62
C ARG C 262 40.40 0.35 2.61
N ARG C 263 39.82 0.54 1.41
CA ARG C 263 38.37 0.74 1.27
C ARG C 263 37.57 -0.45 1.79
N ALA C 264 38.09 -1.66 1.59
CA ALA C 264 37.46 -2.88 2.06
C ALA C 264 37.36 -2.96 3.56
N ARG C 265 38.48 -2.66 4.23
CA ARG C 265 38.52 -2.65 5.68
C ARG C 265 37.53 -1.60 6.22
N ALA C 266 37.54 -0.41 5.61
CA ALA C 266 36.66 0.70 5.98
C ALA C 266 35.19 0.34 5.90
N ILE C 267 34.82 -0.41 4.86
CA ILE C 267 33.44 -0.92 4.72
C ILE C 267 33.06 -2.00 5.74
N VAL C 268 33.99 -2.90 6.03
CA VAL C 268 33.80 -3.89 7.09
C VAL C 268 33.56 -3.19 8.42
N GLN C 269 34.35 -2.14 8.68
CA GLN C 269 34.20 -1.36 9.91
C GLN C 269 32.88 -0.59 9.96
N ALA C 270 32.45 -0.04 8.82
CA ALA C 270 31.17 0.65 8.74
C ALA C 270 30.02 -0.28 9.07
N VAL C 271 30.03 -1.49 8.52
CA VAL C 271 29.00 -2.48 8.83
C VAL C 271 29.07 -2.90 10.30
N THR C 272 30.26 -3.19 10.83
CA THR C 272 30.41 -3.59 12.24
C THR C 272 29.98 -2.47 13.20
N HIS C 273 30.28 -1.21 12.86
CA HIS C 273 29.99 -0.05 13.73
C HIS C 273 29.06 0.97 13.04
N TYR C 274 27.96 0.46 12.49
CA TYR C 274 27.09 1.25 11.59
C TYR C 274 26.40 2.43 12.23
N SER C 275 26.08 2.33 13.51
CA SER C 275 25.41 3.41 14.24
C SER C 275 26.35 4.29 15.05
N ASP C 276 27.64 4.33 14.70
CA ASP C 276 28.64 5.14 15.41
C ASP C 276 29.28 6.10 14.41
N PRO C 277 28.73 7.33 14.30
CA PRO C 277 29.23 8.30 13.32
C PRO C 277 30.72 8.70 13.46
N GLU C 278 31.27 8.66 14.68
CA GLU C 278 32.67 9.05 14.88
C GLU C 278 33.54 8.01 14.17
N MET C 279 33.20 6.74 14.30
CA MET C 279 33.91 5.68 13.61
C MET C 279 33.77 5.78 12.09
N LEU C 280 32.57 6.16 11.64
CA LEU C 280 32.32 6.31 10.21
C LEU C 280 33.16 7.45 9.60
N VAL C 281 33.35 8.55 10.35
CA VAL C 281 34.23 9.67 9.90
C VAL C 281 35.68 9.19 9.76
N GLU C 282 36.17 8.60 10.85
CA GLU C 282 37.51 8.00 10.92
C GLU C 282 37.81 7.11 9.71
N VAL C 283 37.02 6.07 9.50
CA VAL C 283 37.29 5.11 8.40
C VAL C 283 36.99 5.67 7.00
N SER C 284 36.15 6.70 6.92
CA SER C 284 35.92 7.40 5.66
C SER C 284 37.01 8.41 5.28
N CYS C 285 37.89 8.75 6.23
CA CYS C 285 38.82 9.85 6.03
C CYS C 285 40.00 9.44 5.12
N GLY C 286 40.17 10.18 4.03
CA GLY C 286 41.20 9.92 3.02
C GLY C 286 41.25 8.50 2.46
N LEU C 287 40.20 8.06 1.77
CA LEU C 287 40.15 6.71 1.16
C LEU C 287 40.60 6.63 -0.32
N GLY C 288 40.97 7.78 -0.90
CA GLY C 288 41.29 7.85 -2.32
C GLY C 288 40.01 7.80 -3.12
N GLU C 289 40.13 7.63 -4.43
CA GLU C 289 38.96 7.64 -5.32
C GLU C 289 38.04 6.46 -5.01
N ALA C 290 36.74 6.72 -4.94
CA ALA C 290 35.72 5.66 -5.06
C ALA C 290 35.57 5.29 -6.55
N MET C 291 34.78 4.25 -6.86
CA MET C 291 34.54 3.90 -8.27
C MET C 291 33.79 5.07 -8.95
N VAL C 292 34.17 5.37 -10.21
CA VAL C 292 33.56 6.46 -10.99
C VAL C 292 32.03 6.36 -10.94
N GLY C 293 31.54 5.22 -11.41
CA GLY C 293 30.11 4.95 -11.47
C GLY C 293 29.43 5.68 -12.61
N ILE C 294 28.14 5.40 -12.79
CA ILE C 294 27.33 6.05 -13.83
C ILE C 294 26.00 6.45 -13.16
N ASN C 295 25.50 7.64 -13.49
CA ASN C 295 24.13 8.05 -13.14
C ASN C 295 23.19 7.82 -14.34
N LEU C 296 21.92 7.51 -14.05
CA LEU C 296 20.86 7.30 -15.05
C LEU C 296 19.57 8.00 -14.58
N PRO D 22 15.82 22.50 19.67
CA PRO D 22 14.57 23.02 19.08
C PRO D 22 14.77 23.70 17.71
N PHE D 23 13.74 23.57 16.85
CA PHE D 23 13.80 23.97 15.44
C PHE D 23 13.99 25.50 15.25
N SER D 24 13.34 26.29 16.10
CA SER D 24 13.49 27.76 16.07
C SER D 24 14.93 28.27 16.32
N VAL D 25 15.74 27.54 17.09
CA VAL D 25 17.14 27.89 17.26
C VAL D 25 17.84 27.81 15.90
N LYS D 26 17.61 26.71 15.18
CA LYS D 26 18.28 26.49 13.87
C LYS D 26 17.80 27.51 12.86
N VAL D 27 16.51 27.80 12.87
CA VAL D 27 15.93 28.80 12.01
C VAL D 27 16.55 30.17 12.32
N GLY D 28 16.66 30.49 13.61
CA GLY D 28 17.32 31.74 14.06
C GLY D 28 18.77 31.86 13.61
N LEU D 29 19.51 30.75 13.68
CA LEU D 29 20.90 30.73 13.22
C LEU D 29 21.03 31.13 11.78
N ALA D 30 20.16 30.58 10.93
CA ALA D 30 20.24 30.83 9.50
C ALA D 30 19.93 32.30 9.15
N GLN D 31 19.22 33.01 10.02
CA GLN D 31 18.99 34.45 9.84
C GLN D 31 20.27 35.25 9.71
N MET D 32 21.33 34.83 10.42
CA MET D 32 22.64 35.49 10.38
C MET D 32 23.24 35.59 8.98
N LEU D 33 22.81 34.72 8.09
CA LEU D 33 23.31 34.67 6.74
C LEU D 33 22.62 35.65 5.82
N ARG D 34 21.49 36.24 6.23
CA ARG D 34 20.77 37.19 5.40
C ARG D 34 21.69 38.27 4.88
N GLY D 35 21.61 38.54 3.58
CA GLY D 35 22.40 39.59 2.93
C GLY D 35 23.71 39.08 2.39
N GLY D 36 23.89 37.77 2.43
CA GLY D 36 25.16 37.18 2.02
C GLY D 36 25.13 36.33 0.77
N VAL D 37 26.32 35.92 0.36
CA VAL D 37 26.55 35.05 -0.74
C VAL D 37 27.22 33.81 -0.20
N ILE D 38 26.72 32.63 -0.57
CA ILE D 38 27.37 31.38 -0.16
C ILE D 38 28.06 30.79 -1.38
N MET D 39 29.35 30.48 -1.25
CA MET D 39 30.16 30.09 -2.41
C MET D 39 30.55 28.63 -2.27
N ASP D 40 30.09 27.80 -3.22
CA ASP D 40 30.59 26.44 -3.40
C ASP D 40 32.12 26.46 -3.60
N VAL D 41 32.81 25.55 -2.93
CA VAL D 41 34.28 25.40 -3.04
C VAL D 41 34.60 23.91 -3.03
N VAL D 42 35.62 23.50 -3.79
CA VAL D 42 36.03 22.07 -3.84
C VAL D 42 37.33 21.79 -3.10
N ASN D 43 38.08 22.84 -2.75
CA ASN D 43 39.33 22.73 -2.00
C ASN D 43 39.61 23.98 -1.18
N ALA D 44 40.67 23.94 -0.37
CA ALA D 44 40.97 25.03 0.59
C ALA D 44 41.44 26.32 -0.08
N GLU D 45 41.95 26.20 -1.30
CA GLU D 45 42.34 27.36 -2.08
C GLU D 45 41.08 28.15 -2.47
N GLN D 46 40.13 27.47 -3.12
CA GLN D 46 38.81 28.06 -3.39
C GLN D 46 38.14 28.55 -2.07
N ALA D 47 38.29 27.82 -0.97
CA ALA D 47 37.76 28.26 0.35
C ALA D 47 38.29 29.61 0.82
N ARG D 48 39.60 29.81 0.69
CA ARG D 48 40.24 31.08 1.08
C ARG D 48 39.84 32.24 0.14
N ILE D 49 39.70 31.92 -1.14
CA ILE D 49 39.24 32.88 -2.16
C ILE D 49 37.87 33.45 -1.77
N ALA D 50 36.93 32.57 -1.41
CA ALA D 50 35.59 32.99 -1.00
C ALA D 50 35.56 33.84 0.27
N GLU D 51 36.25 33.43 1.33
CA GLU D 51 36.24 34.22 2.58
C GLU D 51 36.84 35.59 2.34
N GLU D 52 37.98 35.64 1.65
CA GLU D 52 38.62 36.92 1.31
C GLU D 52 37.71 37.75 0.42
N ALA D 53 37.01 37.10 -0.51
CA ALA D 53 36.03 37.78 -1.37
C ALA D 53 34.76 38.30 -0.64
N GLY D 54 34.52 37.89 0.62
CA GLY D 54 33.40 38.42 1.46
C GLY D 54 32.17 37.50 1.61
N ALA D 55 32.27 36.25 1.17
CA ALA D 55 31.20 35.26 1.36
C ALA D 55 30.78 35.17 2.82
N CYS D 56 29.49 34.94 3.05
CA CYS D 56 28.98 34.71 4.39
C CYS D 56 29.18 33.23 4.82
N ALA D 57 29.49 32.36 3.87
CA ALA D 57 29.77 30.97 4.15
C ALA D 57 30.33 30.28 2.91
N VAL D 58 31.04 29.19 3.14
CA VAL D 58 31.51 28.35 2.07
C VAL D 58 30.74 27.02 2.08
N MET D 59 30.60 26.41 0.90
CA MET D 59 29.90 25.11 0.74
C MET D 59 30.86 24.12 0.12
N ALA D 60 31.28 23.13 0.90
CA ALA D 60 32.18 22.09 0.44
C ALA D 60 31.48 21.00 -0.37
N LEU D 61 31.97 20.80 -1.58
CA LEU D 61 31.49 19.72 -2.42
C LEU D 61 32.62 19.14 -3.27
N GLU D 62 32.33 17.97 -3.88
CA GLU D 62 33.32 17.21 -4.66
C GLU D 62 33.70 17.96 -5.94
N ARG D 63 32.69 18.37 -6.70
CA ARG D 63 32.86 19.05 -7.97
C ARG D 63 31.78 20.10 -8.13
N VAL D 64 32.11 21.24 -8.72
CA VAL D 64 31.10 22.30 -8.94
C VAL D 64 30.00 21.75 -9.87
N PRO D 65 28.75 22.22 -9.71
CA PRO D 65 27.65 21.59 -10.44
C PRO D 65 27.83 21.54 -11.96
N ALA D 66 28.40 22.61 -12.55
CA ALA D 66 28.74 22.63 -13.99
C ALA D 66 29.67 21.46 -14.43
N ASP D 67 30.59 21.00 -13.56
CA ASP D 67 31.43 19.80 -13.85
C ASP D 67 30.71 18.49 -13.63
N ILE D 68 29.83 18.42 -12.62
CA ILE D 68 28.96 17.26 -12.38
C ILE D 68 28.06 17.01 -13.62
N ARG D 69 27.43 18.09 -14.11
CA ARG D 69 26.63 18.08 -15.35
C ARG D 69 27.44 17.58 -16.57
N ALA D 70 28.57 18.23 -16.84
CA ALA D 70 29.44 17.90 -17.98
C ALA D 70 30.02 16.48 -17.96
N GLN D 71 30.41 15.99 -16.77
CA GLN D 71 31.17 14.75 -16.66
C GLN D 71 30.36 13.50 -16.35
N GLY D 72 29.20 13.66 -15.68
CA GLY D 72 28.45 12.52 -15.14
C GLY D 72 29.13 11.82 -13.95
N GLY D 73 28.98 10.50 -13.85
CA GLY D 73 29.41 9.77 -12.67
C GLY D 73 28.53 10.02 -11.45
N VAL D 74 28.67 9.19 -10.42
CA VAL D 74 27.87 9.34 -9.21
C VAL D 74 28.50 10.37 -8.30
N ALA D 75 27.77 11.46 -8.07
CA ALA D 75 28.22 12.57 -7.22
C ALA D 75 27.80 12.35 -5.76
N ARG D 76 28.77 12.15 -4.85
CA ARG D 76 28.51 11.90 -3.43
C ARG D 76 29.04 13.01 -2.53
N MET D 77 28.81 12.84 -1.23
CA MET D 77 29.48 13.60 -0.20
C MET D 77 31.00 13.62 -0.44
N SER D 78 31.63 14.78 -0.23
CA SER D 78 33.07 14.90 -0.24
C SER D 78 33.70 14.03 0.84
N ASP D 79 34.95 13.64 0.57
CA ASP D 79 35.79 12.96 1.55
C ASP D 79 35.91 13.85 2.79
N PRO D 80 35.66 13.30 4.00
CA PRO D 80 35.83 14.09 5.22
C PRO D 80 37.17 14.85 5.36
N GLN D 81 38.26 14.32 4.81
CA GLN D 81 39.57 14.98 4.94
C GLN D 81 39.59 16.30 4.20
N MET D 82 39.03 16.32 2.99
CA MET D 82 38.86 17.55 2.24
C MET D 82 37.98 18.57 2.98
N ILE D 83 36.93 18.10 3.65
CA ILE D 83 36.03 19.00 4.39
C ILE D 83 36.76 19.55 5.62
N LYS D 84 37.52 18.70 6.30
CA LYS D 84 38.38 19.14 7.42
C LYS D 84 39.36 20.25 7.02
N GLU D 85 40.03 20.08 5.88
CA GLU D 85 40.93 21.10 5.32
C GLU D 85 40.26 22.45 5.08
N ILE D 86 39.09 22.43 4.47
CA ILE D 86 38.32 23.65 4.24
C ILE D 86 37.89 24.27 5.57
N LYS D 87 37.51 23.40 6.52
CA LYS D 87 37.11 23.86 7.85
C LYS D 87 38.28 24.57 8.55
N GLN D 88 39.48 24.02 8.43
CA GLN D 88 40.71 24.67 8.93
C GLN D 88 40.94 26.02 8.26
N ALA D 89 40.86 26.03 6.93
CA ALA D 89 41.27 27.18 6.14
C ALA D 89 40.46 28.48 6.31
N VAL D 90 39.33 28.45 7.02
CA VAL D 90 38.48 29.65 7.17
C VAL D 90 37.85 29.75 8.54
N THR D 91 37.39 30.96 8.85
CA THR D 91 36.64 31.23 10.09
C THR D 91 35.14 31.45 9.87
N ILE D 92 34.72 31.71 8.63
CA ILE D 92 33.28 31.82 8.30
C ILE D 92 32.60 30.45 8.34
N PRO D 93 31.25 30.42 8.49
CA PRO D 93 30.54 29.14 8.51
C PRO D 93 30.88 28.23 7.34
N VAL D 94 31.01 26.94 7.62
CA VAL D 94 31.28 25.91 6.63
C VAL D 94 30.07 24.97 6.54
N MET D 95 29.57 24.82 5.32
CA MET D 95 28.46 23.95 4.97
C MET D 95 29.00 22.86 4.05
N ALA D 96 28.31 21.71 4.01
CA ALA D 96 28.68 20.67 3.06
C ALA D 96 27.42 19.99 2.56
N LYS D 97 27.55 19.30 1.44
CA LYS D 97 26.40 18.73 0.77
C LYS D 97 26.31 17.23 0.98
N ALA D 98 25.09 16.75 1.21
CA ALA D 98 24.78 15.33 1.27
C ALA D 98 23.76 14.99 0.21
N ARG D 99 23.77 13.72 -0.21
CA ARG D 99 22.82 13.25 -1.21
C ARG D 99 21.47 13.18 -0.57
N ILE D 100 20.44 13.56 -1.33
CA ILE D 100 19.04 13.49 -0.86
C ILE D 100 18.70 12.12 -0.29
N GLY D 101 18.28 12.11 0.97
CA GLY D 101 17.88 10.87 1.63
C GLY D 101 19.03 10.09 2.24
N HIS D 102 20.27 10.55 2.03
CA HIS D 102 21.43 9.84 2.58
C HIS D 102 21.70 10.29 3.99
N PHE D 103 20.92 9.75 4.92
CA PHE D 103 21.05 10.19 6.30
C PHE D 103 22.39 9.82 6.94
N VAL D 104 23.09 8.81 6.45
CA VAL D 104 24.38 8.47 7.03
C VAL D 104 25.46 9.45 6.59
N GLU D 105 25.39 9.94 5.36
CA GLU D 105 26.25 11.02 4.90
C GLU D 105 26.06 12.21 5.82
N ALA D 106 24.82 12.51 6.19
CA ALA D 106 24.54 13.66 7.05
C ALA D 106 25.09 13.43 8.47
N GLN D 107 25.03 12.20 8.97
CA GLN D 107 25.67 11.85 10.25
C GLN D 107 27.19 12.08 10.26
N ILE D 108 27.84 11.72 9.16
CA ILE D 108 29.25 11.89 9.05
C ILE D 108 29.59 13.40 9.03
N LEU D 109 28.85 14.17 8.23
CA LEU D 109 29.09 15.60 8.13
C LEU D 109 28.88 16.29 9.49
N GLU D 110 27.84 15.86 10.21
CA GLU D 110 27.56 16.40 11.53
C GLU D 110 28.66 16.01 12.51
N ALA D 111 29.09 14.76 12.47
CA ALA D 111 30.20 14.29 13.31
C ALA D 111 31.54 15.04 13.07
N ILE D 112 31.79 15.49 11.85
CA ILE D 112 33.01 16.28 11.54
C ILE D 112 33.03 17.64 12.24
N GLY D 113 31.84 18.18 12.57
CA GLY D 113 31.73 19.50 13.16
C GLY D 113 31.51 20.70 12.23
N ILE D 114 31.03 20.49 11.01
CA ILE D 114 30.63 21.64 10.18
C ILE D 114 29.37 22.34 10.72
N ASP D 115 28.95 23.43 10.06
CA ASP D 115 27.91 24.31 10.59
C ASP D 115 26.52 24.06 9.99
N TYR D 116 26.44 23.72 8.70
CA TYR D 116 25.19 23.40 8.04
C TYR D 116 25.42 22.20 7.14
N ILE D 117 24.39 21.39 6.96
CA ILE D 117 24.33 20.40 5.89
C ILE D 117 23.34 20.87 4.86
N ASP D 118 23.72 20.76 3.59
CA ASP D 118 22.82 21.02 2.49
C ASP D 118 22.47 19.68 1.79
N GLU D 119 21.22 19.24 1.98
CA GLU D 119 20.72 18.03 1.34
C GLU D 119 20.43 18.45 -0.06
N SER D 120 21.32 18.11 -0.99
CA SER D 120 21.36 18.79 -2.30
C SER D 120 21.01 17.90 -3.47
N GLU D 121 20.12 18.38 -4.32
CA GLU D 121 19.76 17.75 -5.58
C GLU D 121 20.86 17.79 -6.64
N VAL D 122 21.90 18.58 -6.40
CA VAL D 122 23.03 18.58 -7.32
C VAL D 122 23.83 17.30 -7.22
N LEU D 123 23.87 16.70 -6.04
CA LEU D 123 24.45 15.37 -5.87
C LEU D 123 23.46 14.32 -6.40
N THR D 124 23.91 13.10 -6.48
CA THR D 124 23.10 12.02 -7.06
C THR D 124 22.13 11.55 -5.99
N LEU D 125 20.84 11.59 -6.32
CA LEU D 125 19.76 11.19 -5.42
C LEU D 125 20.00 9.80 -4.84
N ALA D 126 19.91 9.67 -3.50
CA ALA D 126 20.05 8.33 -2.89
C ALA D 126 18.71 7.69 -2.53
N ASP D 127 17.66 8.49 -2.37
CA ASP D 127 16.37 7.91 -2.01
C ASP D 127 15.36 8.71 -2.80
N GLU D 128 14.70 8.08 -3.77
CA GLU D 128 13.76 8.78 -4.64
C GLU D 128 12.45 9.20 -3.95
N ASP D 129 12.04 8.54 -2.88
CA ASP D 129 10.73 8.78 -2.24
C ASP D 129 10.77 9.56 -0.92
N HIS D 130 11.93 9.60 -0.26
CA HIS D 130 12.08 10.20 1.06
C HIS D 130 13.37 11.02 1.19
N HIS D 131 13.22 12.20 1.76
CA HIS D 131 14.34 12.99 2.26
C HIS D 131 14.71 12.56 3.68
N ILE D 132 15.85 13.10 4.10
CA ILE D 132 16.38 12.96 5.43
C ILE D 132 15.42 13.57 6.44
N ASN D 133 15.17 12.84 7.52
CA ASN D 133 14.51 13.39 8.68
C ASN D 133 15.47 14.33 9.42
N LYS D 134 15.38 15.60 9.08
CA LYS D 134 16.35 16.59 9.47
C LYS D 134 16.21 17.01 10.95
N HIS D 135 15.03 16.81 11.52
CA HIS D 135 14.80 17.03 12.93
C HIS D 135 15.63 16.11 13.85
N ASN D 136 16.18 15.02 13.33
CA ASN D 136 17.06 14.16 14.14
C ASN D 136 18.49 14.69 14.30
N PHE D 137 18.81 15.82 13.69
CA PHE D 137 20.16 16.38 13.74
C PHE D 137 20.19 17.64 14.59
N ARG D 138 21.38 17.97 15.08
CA ARG D 138 21.56 19.13 15.92
C ARG D 138 21.79 20.33 15.01
N ILE D 139 22.59 20.16 13.96
CA ILE D 139 22.92 21.28 13.10
C ILE D 139 21.85 21.53 12.03
N PRO D 140 21.74 22.78 11.56
CA PRO D 140 20.72 23.14 10.57
C PRO D 140 20.96 22.56 9.17
N PHE D 141 19.84 22.32 8.46
CA PHE D 141 19.89 21.87 7.07
C PHE D 141 19.38 22.96 6.14
N VAL D 142 20.01 23.02 4.97
CA VAL D 142 19.45 23.64 3.78
C VAL D 142 18.85 22.56 2.87
N CYS D 143 17.69 22.88 2.27
CA CYS D 143 17.08 22.07 1.21
C CYS D 143 16.70 22.97 0.05
N GLY D 144 16.66 22.36 -1.14
CA GLY D 144 16.20 23.01 -2.35
C GLY D 144 14.69 23.03 -2.47
N CYS D 145 14.19 23.91 -3.33
CA CYS D 145 12.81 23.87 -3.75
C CYS D 145 12.61 24.57 -5.10
N ARG D 146 11.49 24.24 -5.75
CA ARG D 146 11.05 24.87 -6.97
C ARG D 146 9.71 25.57 -6.86
N ASN D 147 9.00 25.34 -5.74
CA ASN D 147 7.70 25.91 -5.48
C ASN D 147 7.40 25.92 -3.97
N LEU D 148 6.37 26.65 -3.58
CA LEU D 148 6.01 26.86 -2.18
C LEU D 148 5.70 25.54 -1.50
N GLY D 149 4.95 24.70 -2.18
CA GLY D 149 4.57 23.40 -1.64
C GLY D 149 5.79 22.56 -1.27
N GLU D 150 6.78 22.59 -2.13
CA GLU D 150 8.01 21.83 -1.91
C GLU D 150 8.82 22.44 -0.73
N ALA D 151 8.96 23.77 -0.69
CA ALA D 151 9.58 24.47 0.43
C ALA D 151 9.01 24.08 1.76
N LEU D 152 7.69 24.09 1.83
CA LEU D 152 7.01 23.79 3.07
C LEU D 152 7.17 22.33 3.49
N ARG D 153 7.25 21.41 2.51
CA ARG D 153 7.51 20.01 2.83
C ARG D 153 8.90 19.83 3.42
N ARG D 154 9.90 20.48 2.83
CA ARG D 154 11.27 20.40 3.32
C ARG D 154 11.36 20.96 4.73
N ILE D 155 10.71 22.09 4.95
CA ILE D 155 10.69 22.75 6.23
C ILE D 155 10.08 21.82 7.28
N ARG D 156 8.97 21.16 6.96
CA ARG D 156 8.34 20.25 7.91
C ARG D 156 9.24 19.07 8.27
N GLU D 157 10.03 18.61 7.31
CA GLU D 157 11.05 17.59 7.54
C GLU D 157 12.20 18.07 8.43
N GLY D 158 12.31 19.38 8.54
CA GLY D 158 13.26 20.04 9.43
C GLY D 158 14.31 20.90 8.77
N ALA D 159 14.10 21.32 7.52
CA ALA D 159 15.05 22.22 6.89
C ALA D 159 14.92 23.58 7.56
N ALA D 160 16.04 24.17 7.97
CA ALA D 160 16.07 25.52 8.57
C ALA D 160 16.29 26.63 7.58
N MET D 161 16.60 26.29 6.35
CA MET D 161 16.88 27.27 5.33
C MET D 161 16.47 26.69 3.97
N ILE D 162 15.90 27.52 3.10
CA ILE D 162 15.51 27.08 1.77
C ILE D 162 16.37 27.73 0.71
N ARG D 163 16.74 26.91 -0.25
CA ARG D 163 17.40 27.31 -1.47
C ARG D 163 16.33 27.21 -2.56
N THR D 164 15.95 28.33 -3.15
CA THR D 164 15.03 28.31 -4.29
C THR D 164 15.86 28.16 -5.55
N LYS D 165 15.69 27.03 -6.24
CA LYS D 165 16.67 26.50 -7.18
C LYS D 165 16.20 26.63 -8.62
N GLY D 166 17.10 27.07 -9.50
CA GLY D 166 16.88 27.03 -10.93
C GLY D 166 17.60 25.87 -11.57
N GLU D 167 18.45 26.14 -12.56
CA GLU D 167 19.24 25.09 -13.21
C GLU D 167 20.63 25.10 -12.59
N ALA D 168 21.12 23.92 -12.24
CA ALA D 168 22.51 23.76 -11.79
C ALA D 168 23.46 23.65 -12.99
N GLY D 169 24.48 24.50 -13.00
CA GLY D 169 25.63 24.33 -13.88
C GLY D 169 25.50 24.83 -15.30
N THR D 170 24.56 25.73 -15.56
CA THR D 170 24.37 26.26 -16.91
C THR D 170 24.62 27.75 -17.07
N GLY D 171 24.77 28.46 -15.96
CA GLY D 171 24.91 29.89 -15.97
C GLY D 171 23.68 30.63 -16.46
N ASN D 172 22.54 29.93 -16.55
CA ASN D 172 21.33 30.54 -17.05
C ASN D 172 20.39 30.73 -15.88
N ILE D 173 20.01 31.98 -15.67
CA ILE D 173 19.20 32.42 -14.52
C ILE D 173 17.69 32.13 -14.71
N ILE D 174 17.27 31.67 -15.89
CA ILE D 174 15.83 31.62 -16.23
C ILE D 174 14.95 30.82 -15.26
N GLU D 175 15.40 29.63 -14.86
CA GLU D 175 14.62 28.78 -13.99
C GLU D 175 14.65 29.25 -12.54
N ALA D 176 15.76 29.90 -12.14
CA ALA D 176 15.83 30.58 -10.87
C ALA D 176 14.81 31.69 -10.78
N VAL D 177 14.72 32.51 -11.84
CA VAL D 177 13.74 33.57 -11.89
C VAL D 177 12.32 32.98 -11.82
N ARG D 178 12.05 31.92 -12.60
CA ARG D 178 10.77 31.24 -12.57
C ARG D 178 10.38 30.77 -11.16
N HIS D 179 11.30 30.08 -10.48
CA HIS D 179 10.98 29.46 -9.17
C HIS D 179 10.90 30.47 -8.03
N VAL D 180 11.75 31.49 -8.10
CA VAL D 180 11.68 32.58 -7.16
C VAL D 180 10.35 33.33 -7.35
N ARG D 181 9.97 33.67 -8.59
CA ARG D 181 8.65 34.31 -8.81
C ARG D 181 7.49 33.48 -8.33
N SER D 182 7.64 32.15 -8.42
CA SER D 182 6.57 31.20 -8.05
C SER D 182 6.40 31.13 -6.55
N VAL D 183 7.50 30.88 -5.85
CA VAL D 183 7.46 30.82 -4.39
C VAL D 183 6.87 32.10 -3.86
N ASN D 184 7.41 33.24 -4.29
CA ASN D 184 6.97 34.54 -3.74
C ASN D 184 5.56 34.90 -4.14
N GLY D 185 5.22 34.64 -5.40
CA GLY D 185 3.87 34.86 -5.89
C GLY D 185 2.79 34.10 -5.15
N ASP D 186 3.05 32.83 -4.83
CA ASP D 186 2.11 32.01 -4.06
C ASP D 186 1.99 32.49 -2.63
N ILE D 187 3.09 32.99 -2.05
CA ILE D 187 3.01 33.68 -0.74
C ILE D 187 2.17 34.94 -0.80
N ARG D 188 2.32 35.76 -1.85
CA ARG D 188 1.50 36.97 -1.92
C ARG D 188 0.02 36.65 -2.11
N VAL D 189 -0.29 35.62 -2.90
CA VAL D 189 -1.65 35.11 -3.09
C VAL D 189 -2.24 34.62 -1.74
N LEU D 190 -1.45 33.81 -1.04
CA LEU D 190 -1.83 33.22 0.23
C LEU D 190 -2.14 34.26 1.28
N ARG D 191 -1.33 35.32 1.34
CA ARG D 191 -1.56 36.40 2.34
C ARG D 191 -2.97 36.98 2.38
N ASN D 192 -3.53 37.18 1.20
CA ASN D 192 -4.81 37.82 1.07
C ASN D 192 -5.99 36.83 0.82
N MET D 193 -5.71 35.53 0.93
CA MET D 193 -6.66 34.49 0.57
C MET D 193 -7.77 34.42 1.59
N ASP D 194 -9.01 34.22 1.13
CA ASP D 194 -10.09 33.83 2.03
C ASP D 194 -9.64 32.68 2.91
N ASP D 195 -9.63 32.91 4.23
CA ASP D 195 -9.28 31.86 5.20
C ASP D 195 -9.92 30.51 4.89
N ASP D 196 -11.20 30.53 4.49
CA ASP D 196 -11.97 29.29 4.30
C ASP D 196 -11.40 28.45 3.15
N GLU D 197 -10.76 29.10 2.18
CA GLU D 197 -10.16 28.44 1.05
C GLU D 197 -8.73 27.93 1.31
N VAL D 198 -8.18 28.19 2.49
CA VAL D 198 -6.78 27.81 2.72
C VAL D 198 -6.62 26.30 2.88
N PHE D 199 -7.65 25.62 3.39
CA PHE D 199 -7.59 24.17 3.57
C PHE D 199 -7.37 23.53 2.20
N THR D 200 -8.15 23.94 1.21
CA THR D 200 -7.98 23.39 -0.15
C THR D 200 -6.66 23.79 -0.79
N PHE D 201 -6.21 24.99 -0.52
CA PHE D 201 -4.92 25.43 -1.00
C PHE D 201 -3.79 24.57 -0.45
N ALA D 202 -3.88 24.19 0.83
CA ALA D 202 -2.88 23.28 1.39
C ALA D 202 -2.97 21.90 0.76
N LYS D 203 -4.20 21.39 0.51
CA LYS D 203 -4.38 20.11 -0.19
C LYS D 203 -3.68 20.14 -1.56
N LYS D 204 -3.90 21.23 -2.28
CA LYS D 204 -3.36 21.41 -3.62
C LYS D 204 -1.85 21.56 -3.64
N LEU D 205 -1.27 22.21 -2.64
CA LEU D 205 0.20 22.34 -2.50
C LEU D 205 0.86 21.05 -2.03
N ALA D 206 0.04 20.12 -1.52
CA ALA D 206 0.48 18.92 -0.85
C ALA D 206 1.44 19.31 0.28
N ALA D 207 1.01 20.29 1.08
CA ALA D 207 1.81 20.88 2.15
C ALA D 207 1.07 20.90 3.48
N PRO D 208 1.81 20.89 4.60
CA PRO D 208 1.10 20.84 5.90
C PRO D 208 0.33 22.11 6.21
N TYR D 209 -0.96 21.95 6.50
CA TYR D 209 -1.88 23.07 6.67
C TYR D 209 -1.37 24.12 7.66
N ASP D 210 -0.83 23.65 8.77
CA ASP D 210 -0.36 24.56 9.82
C ASP D 210 0.84 25.46 9.32
N LEU D 211 1.73 24.88 8.52
CA LEU D 211 2.80 25.66 7.89
C LEU D 211 2.28 26.62 6.84
N VAL D 212 1.18 26.28 6.18
CA VAL D 212 0.59 27.19 5.18
C VAL D 212 0.07 28.44 5.93
N MET D 213 -0.65 28.22 7.03
CA MET D 213 -1.16 29.32 7.88
C MET D 213 -0.04 30.11 8.54
N GLN D 214 1.03 29.45 8.96
CA GLN D 214 2.18 30.19 9.52
C GLN D 214 2.75 31.13 8.44
N THR D 215 2.93 30.61 7.22
CA THR D 215 3.37 31.40 6.07
C THR D 215 2.40 32.55 5.77
N LYS D 216 1.10 32.28 5.88
CA LYS D 216 0.08 33.31 5.65
C LYS D 216 0.19 34.47 6.64
N GLN D 217 0.22 34.15 7.93
CA GLN D 217 0.25 35.16 8.99
C GLN D 217 1.60 35.91 8.96
N LEU D 218 2.68 35.20 8.71
CA LEU D 218 3.98 35.84 8.65
C LEU D 218 4.13 36.74 7.41
N GLY D 219 3.50 36.36 6.29
CA GLY D 219 3.63 37.08 5.02
C GLY D 219 4.91 36.85 4.25
N ARG D 220 5.65 35.80 4.61
CA ARG D 220 6.91 35.41 3.94
C ARG D 220 7.30 33.99 4.32
N LEU D 221 8.34 33.45 3.72
CA LEU D 221 8.74 32.09 4.06
C LEU D 221 9.15 32.05 5.54
N PRO D 222 8.75 31.01 6.29
CA PRO D 222 9.14 30.91 7.71
C PRO D 222 10.61 30.65 7.96
N VAL D 223 11.38 30.47 6.91
CA VAL D 223 12.81 30.27 7.05
C VAL D 223 13.45 31.15 6.00
N VAL D 224 14.76 31.36 6.14
CA VAL D 224 15.53 32.13 5.18
C VAL D 224 15.42 31.51 3.80
N GLN D 225 15.16 32.34 2.80
CA GLN D 225 15.12 31.91 1.40
C GLN D 225 16.28 32.52 0.57
N PHE D 226 17.19 31.69 0.08
CA PHE D 226 18.23 32.11 -0.85
C PHE D 226 17.92 31.60 -2.28
N ALA D 227 18.29 32.37 -3.30
CA ALA D 227 18.22 31.94 -4.70
C ALA D 227 19.49 31.19 -5.06
N ALA D 228 19.35 30.24 -5.97
CA ALA D 228 20.47 29.45 -6.44
C ALA D 228 20.15 28.87 -7.81
N GLY D 229 21.19 28.69 -8.63
CA GLY D 229 21.07 28.06 -9.95
C GLY D 229 21.20 29.08 -11.06
N GLY D 230 22.38 29.11 -11.68
CA GLY D 230 22.66 29.99 -12.82
C GLY D 230 23.07 31.42 -12.52
N VAL D 231 23.26 31.75 -11.24
CA VAL D 231 23.79 33.08 -10.88
C VAL D 231 25.23 33.19 -11.39
N ALA D 232 25.42 33.96 -12.46
CA ALA D 232 26.70 34.07 -13.18
C ALA D 232 27.37 35.47 -13.16
N THR D 233 26.56 36.52 -13.02
CA THR D 233 27.03 37.89 -13.05
C THR D 233 26.51 38.67 -11.83
N PRO D 234 27.13 39.82 -11.54
CA PRO D 234 26.58 40.65 -10.49
C PRO D 234 25.12 41.02 -10.73
N ALA D 235 24.78 41.40 -11.96
CA ALA D 235 23.41 41.68 -12.32
C ALA D 235 22.45 40.56 -11.92
N ASP D 236 22.80 39.31 -12.21
CA ASP D 236 22.02 38.16 -11.78
C ASP D 236 21.78 38.15 -10.28
N ALA D 237 22.84 38.37 -9.51
CA ALA D 237 22.76 38.35 -8.06
C ALA D 237 21.85 39.46 -7.57
N ALA D 238 22.04 40.65 -8.07
CA ALA D 238 21.20 41.78 -7.62
C ALA D 238 19.72 41.54 -8.03
N LEU D 239 19.52 40.94 -9.21
CA LEU D 239 18.17 40.58 -9.66
C LEU D 239 17.43 39.70 -8.66
N MET D 240 18.09 38.66 -8.18
CA MET D 240 17.52 37.79 -7.15
C MET D 240 17.12 38.50 -5.85
N MET D 241 17.97 39.43 -5.40
CA MET D 241 17.66 40.23 -4.21
C MET D 241 16.48 41.16 -4.46
N GLN D 242 16.45 41.80 -5.65
CA GLN D 242 15.30 42.68 -6.00
C GLN D 242 13.98 41.91 -6.13
N LEU D 243 14.04 40.62 -6.48
CA LEU D 243 12.85 39.77 -6.48
C LEU D 243 12.38 39.37 -5.03
N GLY D 244 13.21 39.65 -4.03
CA GLY D 244 12.85 39.43 -2.62
C GLY D 244 13.60 38.33 -1.90
N CYS D 245 14.62 37.72 -2.50
CA CYS D 245 15.43 36.73 -1.78
C CYS D 245 16.23 37.33 -0.60
N ASP D 246 16.75 36.46 0.28
CA ASP D 246 17.54 36.85 1.44
C ASP D 246 19.06 36.76 1.20
N GLY D 247 19.47 36.08 0.14
CA GLY D 247 20.85 36.02 -0.30
C GLY D 247 20.91 35.08 -1.50
N VAL D 248 22.13 34.76 -1.97
CA VAL D 248 22.30 33.89 -3.14
C VAL D 248 23.41 32.87 -2.91
N PHE D 249 23.24 31.68 -3.52
CA PHE D 249 24.28 30.68 -3.67
C PHE D 249 24.87 30.89 -5.06
N VAL D 250 26.18 30.71 -5.18
CA VAL D 250 26.88 30.68 -6.45
C VAL D 250 27.80 29.45 -6.45
N GLY D 251 27.51 28.50 -7.36
CA GLY D 251 28.29 27.27 -7.50
C GLY D 251 29.36 27.33 -8.58
N SER D 252 28.88 27.36 -9.82
CA SER D 252 29.74 27.37 -10.99
C SER D 252 30.21 28.78 -11.35
N GLY D 253 29.30 29.75 -11.26
CA GLY D 253 29.53 31.11 -11.77
C GLY D 253 30.88 31.78 -11.51
N ILE D 254 31.50 31.43 -10.37
CA ILE D 254 32.79 32.00 -9.92
C ILE D 254 33.98 31.17 -10.36
N PHE D 255 33.98 29.86 -10.12
CA PHE D 255 35.13 29.04 -10.46
C PHE D 255 35.17 28.43 -11.89
N LYS D 256 34.11 28.65 -12.68
CA LYS D 256 34.15 28.40 -14.15
C LYS D 256 34.34 29.70 -14.96
N SER D 257 34.69 30.78 -14.27
CA SER D 257 34.97 32.09 -14.89
C SER D 257 36.47 32.35 -15.02
N GLY D 258 36.79 33.37 -15.82
CA GLY D 258 38.17 33.81 -16.11
C GLY D 258 38.94 34.35 -14.92
N ASP D 259 38.27 35.08 -14.04
CA ASP D 259 38.88 35.54 -12.78
C ASP D 259 37.89 35.36 -11.62
N PRO D 260 37.98 34.19 -10.93
CA PRO D 260 37.18 33.90 -9.74
C PRO D 260 37.20 34.95 -8.59
N ALA D 261 38.37 35.45 -8.20
CA ALA D 261 38.49 36.31 -7.01
C ALA D 261 37.84 37.68 -7.17
N ARG D 262 38.08 38.33 -8.30
CA ARG D 262 37.44 39.62 -8.63
C ARG D 262 35.94 39.44 -8.83
N ARG D 263 35.54 38.33 -9.44
CA ARG D 263 34.12 38.06 -9.72
C ARG D 263 33.32 37.80 -8.42
N ALA D 264 33.94 37.10 -7.48
CA ALA D 264 33.33 36.78 -6.19
C ALA D 264 33.09 38.02 -5.37
N ARG D 265 34.09 38.89 -5.31
CA ARG D 265 33.95 40.16 -4.59
C ARG D 265 32.84 40.97 -5.25
N ALA D 266 32.79 40.98 -6.58
CA ALA D 266 31.79 41.76 -7.30
C ALA D 266 30.36 41.27 -6.99
N ILE D 267 30.19 39.96 -6.86
CA ILE D 267 28.89 39.37 -6.54
C ILE D 267 28.49 39.69 -5.11
N VAL D 268 29.42 39.55 -4.17
CA VAL D 268 29.18 39.98 -2.78
C VAL D 268 28.76 41.44 -2.71
N GLN D 269 29.42 42.28 -3.48
CA GLN D 269 29.13 43.74 -3.48
C GLN D 269 27.75 44.01 -4.03
N ALA D 270 27.39 43.30 -5.11
CA ALA D 270 26.08 43.39 -5.76
C ALA D 270 24.99 42.94 -4.85
N VAL D 271 25.24 41.87 -4.10
CA VAL D 271 24.23 41.41 -3.14
C VAL D 271 24.05 42.41 -2.02
N THR D 272 25.16 42.95 -1.50
CA THR D 272 25.09 43.97 -0.43
C THR D 272 24.48 45.28 -0.93
N HIS D 273 24.84 45.72 -2.13
CA HIS D 273 24.35 46.99 -2.68
C HIS D 273 23.36 46.79 -3.86
N TYR D 274 22.44 45.83 -3.70
CA TYR D 274 21.57 45.36 -4.83
C TYR D 274 20.69 46.42 -5.45
N SER D 275 20.33 47.46 -4.69
CA SER D 275 19.52 48.55 -5.27
C SER D 275 20.31 49.80 -5.71
N ASP D 276 21.62 49.65 -5.92
CA ASP D 276 22.45 50.77 -6.35
C ASP D 276 23.07 50.55 -7.76
N PRO D 277 22.39 51.04 -8.80
CA PRO D 277 22.84 50.87 -10.18
C PRO D 277 24.25 51.34 -10.43
N GLU D 278 24.59 52.50 -9.86
CA GLU D 278 25.95 53.07 -9.99
C GLU D 278 26.98 52.11 -9.46
N MET D 279 26.68 51.50 -8.32
CA MET D 279 27.58 50.51 -7.74
C MET D 279 27.68 49.28 -8.63
N LEU D 280 26.54 48.80 -9.11
CA LEU D 280 26.52 47.58 -9.94
C LEU D 280 27.33 47.77 -11.21
N VAL D 281 27.31 48.99 -11.77
CA VAL D 281 28.16 49.31 -12.90
C VAL D 281 29.63 49.16 -12.52
N GLU D 282 30.06 49.82 -11.44
CA GLU D 282 31.51 49.84 -11.10
C GLU D 282 32.00 48.43 -10.87
N VAL D 283 31.26 47.61 -10.13
CA VAL D 283 31.72 46.24 -9.83
C VAL D 283 31.65 45.27 -11.04
N SER D 284 30.73 45.51 -11.98
CA SER D 284 30.62 44.67 -13.19
C SER D 284 31.61 45.08 -14.27
N CYS D 285 32.17 46.28 -14.12
CA CYS D 285 33.03 46.87 -15.15
C CYS D 285 34.36 46.13 -15.27
N GLY D 286 34.61 45.58 -16.46
CA GLY D 286 35.81 44.80 -16.77
C GLY D 286 36.05 43.65 -15.81
N LEU D 287 35.17 42.64 -15.84
CA LEU D 287 35.29 41.46 -14.94
C LEU D 287 35.92 40.21 -15.58
N GLY D 288 36.32 40.32 -16.85
CA GLY D 288 36.81 39.17 -17.61
C GLY D 288 35.66 38.25 -18.00
N GLU D 289 36.02 37.08 -18.52
CA GLU D 289 35.07 36.12 -19.06
C GLU D 289 34.19 35.52 -17.97
N ALA D 290 32.87 35.68 -18.12
CA ALA D 290 31.87 34.92 -17.35
C ALA D 290 31.89 33.46 -17.78
N MET D 291 31.28 32.57 -16.98
CA MET D 291 31.32 31.13 -17.32
C MET D 291 30.66 30.85 -18.67
N VAL D 292 31.14 29.79 -19.32
CA VAL D 292 30.62 29.37 -20.63
C VAL D 292 29.09 29.27 -20.58
N GLY D 293 28.61 28.32 -19.80
CA GLY D 293 27.18 28.08 -19.68
C GLY D 293 26.59 27.34 -20.87
N ILE D 294 25.31 26.99 -20.73
CA ILE D 294 24.58 26.20 -21.74
C ILE D 294 23.11 26.66 -21.77
N ASN D 295 22.64 27.05 -22.96
CA ASN D 295 21.21 27.28 -23.25
C ASN D 295 20.58 25.91 -23.57
N LEU D 296 19.35 25.65 -23.07
CA LEU D 296 18.70 24.32 -23.17
C LEU D 296 17.40 24.32 -23.98
P PO4 E . -28.30 4.92 3.32
O1 PO4 E . -27.36 6.09 3.56
O2 PO4 E . -27.76 4.07 2.24
O3 PO4 E . -29.63 5.43 2.91
O4 PO4 E . -28.33 4.16 4.63
S SO4 F . -11.60 16.93 -0.70
O1 SO4 F . -11.06 16.82 -2.05
O2 SO4 F . -10.74 17.78 0.13
O3 SO4 F . -11.60 15.61 -0.08
O4 SO4 F . -12.98 17.43 -0.75
C5 KIK G . -25.35 8.19 3.61
N1 KIK G . -26.47 9.76 7.09
C4 KIK G . -24.71 9.23 4.13
C3 KIK G . -25.43 10.26 4.90
O3 KIK G . -24.98 11.39 4.95
C2 KIK G . -26.69 9.92 5.63
C1 KIK G . -27.67 11.05 5.39
P PO4 H . -28.59 -21.99 -12.15
O1 PO4 H . -27.56 -21.73 -11.08
O2 PO4 H . -28.85 -23.48 -12.11
O3 PO4 H . -28.01 -21.51 -13.44
O4 PO4 H . -29.87 -21.27 -11.88
S SO4 I . -10.15 -13.92 -6.23
O1 SO4 I . -9.24 -14.17 -5.12
O2 SO4 I . -9.53 -12.90 -7.06
O3 SO4 I . -10.38 -15.16 -6.97
O4 SO4 I . -11.48 -13.43 -5.76
C5 KIK J . -25.17 -20.69 -9.59
N1 KIK J . -26.06 -22.82 -6.36
C4 KIK J . -24.38 -20.68 -8.53
C3 KIK J . -24.92 -20.77 -7.16
O3 KIK J . -24.29 -20.30 -6.23
C2 KIK J . -26.23 -21.45 -6.91
C1 KIK J . -27.02 -20.60 -5.93
P PO4 K . 27.84 -3.85 -7.23
O1 PO4 K . 28.86 -3.99 -8.32
O2 PO4 K . 26.84 -2.85 -7.67
O3 PO4 K . 28.47 -3.37 -5.94
O4 PO4 K . 27.14 -5.15 -6.91
S SO4 L . 9.87 -14.24 -10.68
O1 SO4 L . 10.12 -13.22 -9.64
O2 SO4 L . 11.08 -14.47 -11.50
O3 SO4 L . 8.81 -13.80 -11.59
O4 SO4 L . 9.40 -15.43 -9.98
C5 KIK M . 24.91 -7.22 -7.55
N1 KIK M . 26.90 -9.97 -5.48
C4 KIK M . 24.38 -8.41 -7.32
C3 KIK M . 25.22 -9.62 -7.26
O3 KIK M . 24.72 -10.71 -7.52
C2 KIK M . 26.66 -9.52 -6.88
C1 KIK M . 27.47 -10.41 -7.83
P PO4 N . 25.22 26.89 -10.16
O1 PO4 N . 26.37 26.02 -10.60
O2 PO4 N . 24.22 26.99 -11.27
O3 PO4 N . 25.76 28.26 -9.84
O4 PO4 N . 24.55 26.31 -8.95
S SO4 O . 8.79 15.97 -2.83
O1 SO4 O . 8.70 17.41 -2.95
O2 SO4 O . 10.21 15.53 -2.88
O3 SO4 O . 8.09 15.36 -3.96
O4 SO4 O . 8.17 15.60 -1.56
C5 KIK P . 22.60 24.48 -7.41
N1 KIK P . 24.58 25.19 -4.03
C4 KIK P . 22.16 24.01 -6.26
C3 KIK P . 23.09 23.59 -5.20
O3 KIK P . 22.73 22.75 -4.38
C2 KIK P . 24.47 24.17 -5.11
C1 KIK P . 25.45 23.05 -4.84
#